data_8Y63
#
_entry.id   8Y63
#
_cell.length_a   1.00
_cell.length_b   1.00
_cell.length_c   1.00
_cell.angle_alpha   90.00
_cell.angle_beta   90.00
_cell.angle_gamma   90.00
#
_symmetry.space_group_name_H-M   'P 1'
#
loop_
_entity.id
_entity.type
_entity.pdbx_description
1 polymer 'N-formyl peptide receptor 2'
2 polymer 'Guanine nucleotide-binding protein G(i) subunit alpha-1'
3 polymer 'Guanine nucleotide-binding protein G(I)/G(S)/G(T) subunit beta-1'
4 polymer 'Guanine nucleotide-binding protein G(I)/G(S)/G(O) subunit gamma-2'
5 polymer scFv16
6 non-polymer Cer(d18:0/20:0)
#
loop_
_entity_poly.entity_id
_entity_poly.type
_entity_poly.pdbx_seq_one_letter_code
_entity_poly.pdbx_strand_id
1 'polypeptide(L)'
;METNFSTPLNEYEEVSYESAGYTVLRILPLVVLGVTFVLGVLGNGLVIWVAGFRMTRTVTTICYLNLALADFSFTATLPF
LIVSMAMGEKWPFGWFLCKLIHIVVDINLFGSVFLIGFIALDRCICVLHPVWAQNHRTVSLAMKVIVGPWILALVLTLPV
FLFLTTVTIPNGDTYCTFNFASWGGTPEERLKVAITMLTARGIIRFVIGFSLPMSIVAICYGLIAAKIHKKGMIKSSRPL
RVLTAVVASFFICWFPFQLVALLGTVWLKEMLFYGKYKIIDILVNPTSSLAFFNSCLNPMLYVFVGQDFRERLIHSLPTS
LERALSEDSAPTNDTAANSASPPAETELQAM
;
R
2 'polypeptide(L)'
;MGCTLSAEDKAAVERSKMIDRNLREDGEKAAREVKLLLLGAGESGKSTIVKQMKIIHEAGYSEEECKQYKAVVYSNTIQS
IIAIIRAMGRLKIDFGDSARADDARQLFVLAGAAEEGFMTAELAGVIKRLWKDSGVQACFNRSREYQLNDSAAYYLNDLD
RIAQPNYIPTQQDVLRTRVKTTGIVETHFTFKDLHFKMFDVGGQRSERKKWIHCFEGVTAIIFCVALSDYDLVLAEDEEM
NRMHESMKLFDSICNNKWFTDTSIILFLNKKDLFEEKIKKSPLTICYPEYAGSNTYEEAAAYIQCQFEDLNKRKDTKEIY
THFTCATDTKNVQFVFDAVTDVIIKNNLKDCGLF
;
A
3 'polypeptide(L)'
;MHHHHHHLEVLFQGPGSSGSELDQLRQEAEQLKNQIRDARKACADATLSQITNNIDPVGRIQMRTRRTLRGHLAKIYAMH
WGTDSRLLVSASQDGKLIIWDSYTTNKVHAIPLRSSWVMTCAYAPSGNYVACGGLDNICSIYNLKTREGNVRVSRELAGH
TGYLSCCRFLDDNQIVTSSGDTTCALWDIETGQQTTTFTGHTGDVMSLSLAPDTRLFVSGACDASAKLWDVREGMCRQTF
TGHESDINAICFFPNGNAFATGSDDATCRLFDLRADQELMTYSHDNIICGITSVSFSKSGRLLLAGYDDFNCNVWDALKA
DRAGVLAGHDNRVSCLGVTDDGMAVATGSWDSFLKIWN
;
B
4 'polypeptide(L)' NTASIAQARKLVEQLKMEANIDRIKVSKAAADLMAYCEAHAKEDPLLTPVPASENPFR C
5 'polypeptide(L)'
;MLLVNQSHQGFNKEHTSKMVSAIVLYVLLAAAAHSAFAVQLVESGGGLVQPGGSRKLSCSASGFAFSSFGMHWVRQAPEK
GLEWVAYISSGSGTIYYADTVKGRFTISRDDPKNTLFLQMTSLRSEDTAMYYCVRSIYYYGSSPFDFWGQGTTLTVSAGG
GGSGGGGSGGGGSADIVMTQATSSVPVTPGESVSISCRSSKSLLHSNGNTYLYWFLQRPGQSPQLLIYRMSNLASGVPDR
FSGSGSGTAFTLTISRLEAEDVGVYYCMQHLEYPLTFGAGTKLEL
;
E
#
# COMPACT_ATOMS: atom_id res chain seq x y z
N VAL A 24 23.01 13.88 -49.87
CA VAL A 24 23.56 14.17 -48.57
C VAL A 24 23.48 15.66 -48.28
N LEU A 25 23.44 16.01 -46.99
CA LEU A 25 23.37 17.37 -46.50
C LEU A 25 22.08 18.06 -46.93
N ARG A 26 21.22 17.34 -47.65
CA ARG A 26 19.87 17.80 -47.93
C ARG A 26 18.84 16.68 -47.87
N ILE A 27 19.25 15.44 -47.63
CA ILE A 27 18.35 14.30 -47.56
C ILE A 27 18.55 13.52 -46.26
N LEU A 28 19.81 13.23 -45.92
CA LEU A 28 20.13 12.57 -44.66
C LEU A 28 19.55 13.28 -43.44
N PRO A 29 19.56 14.61 -43.32
CA PRO A 29 18.89 15.23 -42.17
C PRO A 29 17.43 14.85 -42.05
N LEU A 30 16.68 14.80 -43.15
CA LEU A 30 15.28 14.43 -43.07
C LEU A 30 15.12 12.99 -42.60
N VAL A 31 15.96 12.10 -43.10
CA VAL A 31 15.87 10.69 -42.71
C VAL A 31 16.19 10.54 -41.22
N VAL A 32 17.24 11.23 -40.76
CA VAL A 32 17.61 11.13 -39.35
C VAL A 32 16.53 11.72 -38.46
N LEU A 33 15.94 12.84 -38.88
CA LEU A 33 14.85 13.44 -38.12
C LEU A 33 13.65 12.50 -38.03
N GLY A 34 13.31 11.85 -39.14
CA GLY A 34 12.19 10.91 -39.12
C GLY A 34 12.46 9.70 -38.24
N VAL A 35 13.68 9.15 -38.33
CA VAL A 35 14.04 8.02 -37.49
C VAL A 35 13.99 8.42 -36.03
N THR A 36 14.52 9.60 -35.70
CA THR A 36 14.43 10.10 -34.34
C THR A 36 12.99 10.25 -33.90
N PHE A 37 12.14 10.78 -34.78
CA PHE A 37 10.73 10.97 -34.43
C PHE A 37 10.07 9.65 -34.07
N VAL A 38 10.19 8.64 -34.95
CA VAL A 38 9.50 7.38 -34.73
C VAL A 38 10.07 6.66 -33.49
N LEU A 39 11.40 6.61 -33.40
CA LEU A 39 12.02 5.95 -32.26
C LEU A 39 11.68 6.64 -30.95
N GLY A 40 11.65 7.98 -30.96
CA GLY A 40 11.31 8.70 -29.76
C GLY A 40 9.87 8.47 -29.35
N VAL A 41 8.94 8.52 -30.31
CA VAL A 41 7.55 8.24 -29.98
C VAL A 41 7.44 6.87 -29.32
N LEU A 42 8.02 5.85 -29.94
CA LEU A 42 7.90 4.49 -29.42
C LEU A 42 8.52 4.37 -28.03
N GLY A 43 9.77 4.80 -27.89
CA GLY A 43 10.47 4.61 -26.62
C GLY A 43 9.86 5.42 -25.49
N ASN A 44 9.50 6.67 -25.77
CA ASN A 44 8.86 7.50 -24.76
C ASN A 44 7.50 6.96 -24.36
N GLY A 45 6.72 6.45 -25.33
CA GLY A 45 5.48 5.79 -24.96
C GLY A 45 5.73 4.59 -24.06
N LEU A 46 6.76 3.81 -24.37
CA LEU A 46 7.10 2.68 -23.52
C LEU A 46 7.46 3.13 -22.11
N VAL A 47 8.21 4.22 -22.00
CA VAL A 47 8.62 4.69 -20.68
C VAL A 47 7.42 5.22 -19.90
N ILE A 48 6.52 5.95 -20.57
CA ILE A 48 5.37 6.49 -19.86
C ILE A 48 4.27 5.46 -19.64
N TRP A 49 4.37 4.29 -20.28
CA TRP A 49 3.38 3.24 -20.07
C TRP A 49 3.86 2.17 -19.10
N VAL A 50 5.17 1.95 -19.01
CA VAL A 50 5.71 0.95 -18.09
C VAL A 50 6.21 1.64 -16.83
N ALA A 51 7.18 2.55 -16.98
CA ALA A 51 7.59 3.34 -15.84
C ALA A 51 6.54 4.35 -15.43
N GLY A 52 5.67 4.75 -16.35
CA GLY A 52 4.63 5.70 -16.01
C GLY A 52 3.56 5.09 -15.13
N PHE A 53 2.88 4.06 -15.63
CA PHE A 53 1.73 3.48 -14.96
C PHE A 53 2.04 2.17 -14.24
N ARG A 54 2.80 1.28 -14.88
CA ARG A 54 2.98 -0.08 -14.38
C ARG A 54 4.22 -0.24 -13.51
N MET A 55 4.64 0.81 -12.82
CA MET A 55 5.76 0.72 -11.89
C MET A 55 5.48 1.64 -10.71
N THR A 56 5.97 1.23 -9.53
CA THR A 56 5.78 2.04 -8.34
C THR A 56 6.46 3.39 -8.48
N ARG A 57 5.89 4.40 -7.85
CA ARG A 57 6.33 5.78 -8.02
C ARG A 57 7.52 6.04 -7.10
N THR A 58 8.67 6.35 -7.69
CA THR A 58 9.85 6.72 -6.93
C THR A 58 10.52 7.90 -7.63
N VAL A 59 11.50 8.51 -6.93
CA VAL A 59 12.15 9.70 -7.46
C VAL A 59 12.76 9.41 -8.83
N THR A 60 13.44 8.27 -8.96
CA THR A 60 14.02 7.91 -10.25
C THR A 60 12.94 7.76 -11.31
N THR A 61 11.80 7.16 -10.94
CA THR A 61 10.69 7.03 -11.88
C THR A 61 10.10 8.39 -12.23
N ILE A 62 10.02 9.29 -11.26
CA ILE A 62 9.56 10.65 -11.55
C ILE A 62 10.45 11.31 -12.59
N CYS A 63 11.77 11.25 -12.39
CA CYS A 63 12.68 11.89 -13.33
C CYS A 63 12.58 11.26 -14.71
N TYR A 64 12.54 9.93 -14.78
CA TYR A 64 12.45 9.27 -16.08
C TYR A 64 11.14 9.57 -16.77
N LEU A 65 10.04 9.62 -16.02
CA LEU A 65 8.75 9.90 -16.62
C LEU A 65 8.68 11.33 -17.13
N ASN A 66 9.20 12.29 -16.36
CA ASN A 66 9.21 13.67 -16.81
C ASN A 66 10.07 13.83 -18.06
N LEU A 67 11.24 13.20 -18.09
CA LEU A 67 12.08 13.29 -19.27
C LEU A 67 11.41 12.63 -20.48
N ALA A 68 10.75 11.50 -20.25
CA ALA A 68 10.02 10.83 -21.33
C ALA A 68 8.89 11.72 -21.85
N LEU A 69 8.18 12.40 -20.95
CA LEU A 69 7.12 13.29 -21.38
C LEU A 69 7.67 14.45 -22.20
N ALA A 70 8.79 15.03 -21.75
CA ALA A 70 9.42 16.11 -22.50
C ALA A 70 9.78 15.65 -23.91
N ASP A 71 10.51 14.54 -24.01
CA ASP A 71 10.93 14.05 -25.30
C ASP A 71 9.74 13.59 -26.14
N PHE A 72 8.66 13.13 -25.51
CA PHE A 72 7.50 12.67 -26.26
C PHE A 72 6.76 13.84 -26.87
N SER A 73 6.58 14.92 -26.11
CA SER A 73 5.99 16.11 -26.69
C SER A 73 6.86 16.63 -27.83
N PHE A 74 8.19 16.64 -27.64
CA PHE A 74 9.06 17.11 -28.71
C PHE A 74 8.92 16.26 -29.96
N THR A 75 8.98 14.93 -29.80
CA THR A 75 8.91 14.07 -30.98
C THR A 75 7.53 14.05 -31.60
N ALA A 76 6.48 14.38 -30.83
CA ALA A 76 5.16 14.58 -31.43
C ALA A 76 5.16 15.85 -32.29
N THR A 77 5.83 16.90 -31.83
CA THR A 77 5.98 18.08 -32.67
C THR A 77 6.89 17.82 -33.87
N LEU A 78 7.73 16.80 -33.78
CA LEU A 78 8.75 16.58 -34.82
C LEU A 78 8.19 16.42 -36.23
N PRO A 79 7.11 15.67 -36.50
CA PRO A 79 6.63 15.57 -37.89
C PRO A 79 6.33 16.90 -38.54
N PHE A 80 5.83 17.86 -37.77
CA PHE A 80 5.62 19.20 -38.33
C PHE A 80 6.93 19.82 -38.79
N LEU A 81 7.99 19.70 -37.98
CA LEU A 81 9.29 20.22 -38.35
C LEU A 81 9.84 19.52 -39.59
N ILE A 82 9.69 18.19 -39.67
CA ILE A 82 10.26 17.49 -40.82
C ILE A 82 9.50 17.85 -42.09
N VAL A 83 8.18 18.02 -41.98
CA VAL A 83 7.41 18.47 -43.14
C VAL A 83 7.87 19.85 -43.56
N SER A 84 8.07 20.75 -42.58
CA SER A 84 8.50 22.11 -42.91
C SER A 84 9.86 22.11 -43.61
N MET A 85 10.79 21.30 -43.12
CA MET A 85 12.11 21.25 -43.75
C MET A 85 12.04 20.63 -45.14
N ALA A 86 11.28 19.55 -45.30
CA ALA A 86 11.20 18.87 -46.59
C ALA A 86 10.52 19.74 -47.64
N MET A 87 9.51 20.50 -47.26
CA MET A 87 8.74 21.32 -48.20
C MET A 87 9.50 22.57 -48.63
N GLY A 88 10.79 22.60 -48.29
CA GLY A 88 11.62 23.74 -48.65
C GLY A 88 11.59 24.82 -47.61
N GLU A 89 12.02 24.50 -46.40
CA GLU A 89 12.03 25.46 -45.32
C GLU A 89 10.78 26.32 -45.21
N LYS A 90 9.61 25.77 -45.55
CA LYS A 90 8.35 26.54 -45.55
C LYS A 90 7.43 26.18 -44.43
N TRP A 91 6.20 26.67 -44.45
CA TRP A 91 5.22 26.30 -43.42
C TRP A 91 3.87 26.11 -44.09
N PRO A 92 3.66 24.98 -44.76
CA PRO A 92 2.35 24.73 -45.38
C PRO A 92 1.20 24.78 -44.40
N PHE A 93 1.46 24.50 -43.13
CA PHE A 93 0.43 24.43 -42.12
C PHE A 93 0.00 25.84 -41.73
N GLY A 94 -1.07 25.92 -40.95
CA GLY A 94 -1.62 27.21 -40.57
C GLY A 94 -0.70 27.99 -39.66
N TRP A 95 -1.02 29.28 -39.50
CA TRP A 95 -0.23 30.11 -38.61
C TRP A 95 -0.29 29.60 -37.18
N PHE A 96 -1.49 29.25 -36.71
CA PHE A 96 -1.62 28.72 -35.36
C PHE A 96 -0.87 27.40 -35.21
N LEU A 97 -0.93 26.54 -36.23
CA LEU A 97 -0.23 25.27 -36.17
C LEU A 97 1.27 25.46 -36.04
N CYS A 98 1.85 26.33 -36.88
CA CYS A 98 3.28 26.57 -36.82
C CYS A 98 3.67 27.21 -35.49
N LYS A 99 2.88 28.18 -35.02
CA LYS A 99 3.19 28.82 -33.74
C LYS A 99 3.16 27.81 -32.61
N LEU A 100 2.12 26.97 -32.55
CA LEU A 100 2.01 25.99 -31.48
C LEU A 100 3.13 24.96 -31.55
N ILE A 101 3.48 24.51 -32.76
CA ILE A 101 4.51 23.50 -32.89
C ILE A 101 5.87 24.05 -32.47
N HIS A 102 6.18 25.30 -32.86
CA HIS A 102 7.45 25.86 -32.44
C HIS A 102 7.48 26.13 -30.95
N ILE A 103 6.34 26.50 -30.36
CA ILE A 103 6.28 26.64 -28.90
C ILE A 103 6.57 25.30 -28.24
N VAL A 104 5.96 24.23 -28.76
CA VAL A 104 6.16 22.90 -28.18
C VAL A 104 7.62 22.47 -28.33
N VAL A 105 8.21 22.68 -29.51
CA VAL A 105 9.60 22.29 -29.72
C VAL A 105 10.52 23.07 -28.78
N ASP A 106 10.32 24.38 -28.69
CA ASP A 106 11.19 25.18 -27.84
C ASP A 106 11.03 24.82 -26.38
N ILE A 107 9.81 24.52 -25.93
CA ILE A 107 9.62 24.18 -24.53
C ILE A 107 10.22 22.80 -24.23
N ASN A 108 10.02 21.82 -25.12
CA ASN A 108 10.38 20.46 -24.78
C ASN A 108 11.81 20.09 -25.12
N LEU A 109 12.43 20.75 -26.10
CA LEU A 109 13.86 20.54 -26.32
C LEU A 109 14.65 21.01 -25.12
N PHE A 110 14.32 22.20 -24.61
CA PHE A 110 14.91 22.66 -23.35
C PHE A 110 14.52 21.74 -22.20
N GLY A 111 13.28 21.27 -22.19
CA GLY A 111 12.87 20.34 -21.14
C GLY A 111 13.75 19.10 -21.11
N SER A 112 14.02 18.52 -22.28
CA SER A 112 14.86 17.34 -22.33
C SER A 112 16.30 17.66 -21.93
N VAL A 113 16.86 18.75 -22.48
CA VAL A 113 18.26 19.03 -22.20
C VAL A 113 18.46 19.48 -20.77
N PHE A 114 17.40 19.92 -20.08
CA PHE A 114 17.50 20.26 -18.68
C PHE A 114 17.21 19.08 -17.77
N LEU A 115 16.31 18.19 -18.16
CA LEU A 115 16.03 17.02 -17.35
C LEU A 115 17.15 15.99 -17.45
N ILE A 116 17.91 16.00 -18.55
CA ILE A 116 19.13 15.20 -18.60
C ILE A 116 20.09 15.64 -17.51
N GLY A 117 20.30 16.96 -17.39
CA GLY A 117 21.14 17.47 -16.34
C GLY A 117 20.56 17.23 -14.96
N PHE A 118 19.24 17.31 -14.84
CA PHE A 118 18.60 17.06 -13.55
C PHE A 118 18.82 15.61 -13.10
N ILE A 119 18.67 14.66 -14.03
CA ILE A 119 18.90 13.26 -13.70
C ILE A 119 20.37 13.03 -13.38
N ALA A 120 21.27 13.70 -14.10
CA ALA A 120 22.69 13.60 -13.76
C ALA A 120 22.93 14.09 -12.34
N LEU A 121 22.32 15.21 -11.98
CA LEU A 121 22.46 15.72 -10.61
C LEU A 121 21.88 14.74 -9.60
N ASP A 122 20.75 14.13 -9.92
CA ASP A 122 20.12 13.18 -9.01
C ASP A 122 21.02 11.98 -8.77
N ARG A 123 21.58 11.42 -9.85
CA ARG A 123 22.48 10.28 -9.70
C ARG A 123 23.74 10.66 -8.95
N CYS A 124 24.29 11.84 -9.22
CA CYS A 124 25.49 12.28 -8.51
C CYS A 124 25.21 12.44 -7.02
N ILE A 125 24.06 13.01 -6.67
CA ILE A 125 23.73 13.20 -5.26
C ILE A 125 23.28 11.90 -4.60
N CYS A 126 22.93 10.89 -5.40
CA CYS A 126 22.59 9.59 -4.82
C CYS A 126 23.81 8.72 -4.61
N VAL A 127 24.82 8.84 -5.47
CA VAL A 127 26.02 8.02 -5.34
C VAL A 127 27.06 8.70 -4.44
N LEU A 128 27.38 9.96 -4.71
CA LEU A 128 28.38 10.65 -3.91
C LEU A 128 27.94 10.79 -2.47
N HIS A 129 26.67 11.11 -2.24
CA HIS A 129 26.16 11.41 -0.91
C HIS A 129 24.92 10.55 -0.66
N PRO A 130 25.11 9.27 -0.35
CA PRO A 130 23.96 8.37 -0.22
C PRO A 130 23.16 8.57 1.06
N VAL A 131 23.84 8.95 2.14
CA VAL A 131 23.15 9.17 3.41
C VAL A 131 22.11 10.29 3.24
N TRP A 132 22.54 11.42 2.67
CA TRP A 132 21.60 12.51 2.44
C TRP A 132 20.53 12.10 1.43
N ALA A 133 20.92 11.39 0.38
CA ALA A 133 19.97 10.98 -0.65
C ALA A 133 18.98 9.96 -0.15
N GLN A 134 19.21 9.38 1.02
CA GLN A 134 18.19 8.55 1.64
C GLN A 134 17.38 9.29 2.70
N ASN A 135 18.00 10.24 3.40
CA ASN A 135 17.28 10.98 4.43
C ASN A 135 16.35 12.04 3.86
N HIS A 136 16.65 12.61 2.69
CA HIS A 136 15.90 13.78 2.23
C HIS A 136 15.56 13.71 0.75
N ARG A 137 15.42 12.52 0.17
CA ARG A 137 15.08 12.39 -1.24
C ARG A 137 13.83 11.53 -1.35
N THR A 138 12.67 12.17 -1.22
CA THR A 138 11.38 11.50 -1.30
C THR A 138 10.68 11.89 -2.60
N VAL A 139 9.55 11.22 -2.86
CA VAL A 139 8.80 11.49 -4.08
C VAL A 139 8.22 12.90 -4.05
N SER A 140 7.85 13.38 -2.87
CA SER A 140 7.28 14.72 -2.76
C SER A 140 8.28 15.77 -3.22
N LEU A 141 9.52 15.70 -2.73
CA LEU A 141 10.55 16.62 -3.17
C LEU A 141 10.82 16.49 -4.65
N ALA A 142 10.81 15.25 -5.16
CA ALA A 142 11.05 15.03 -6.58
C ALA A 142 10.00 15.73 -7.42
N MET A 143 8.73 15.63 -7.03
CA MET A 143 7.67 16.28 -7.80
C MET A 143 7.67 17.79 -7.61
N LYS A 144 8.10 18.27 -6.44
CA LYS A 144 8.12 19.70 -6.19
C LYS A 144 9.34 20.39 -6.79
N VAL A 145 10.35 19.66 -7.22
CA VAL A 145 11.52 20.25 -7.85
C VAL A 145 11.61 19.92 -9.34
N ILE A 146 10.94 18.86 -9.81
CA ILE A 146 11.05 18.49 -11.22
C ILE A 146 10.43 19.56 -12.11
N VAL A 147 9.48 20.36 -11.59
CA VAL A 147 8.87 21.41 -12.40
C VAL A 147 9.75 22.64 -12.52
N GLY A 148 10.88 22.69 -11.83
CA GLY A 148 11.82 23.78 -11.95
C GLY A 148 12.40 23.89 -13.36
N PRO A 149 12.87 22.77 -13.92
CA PRO A 149 13.28 22.78 -15.32
C PRO A 149 12.17 23.21 -16.27
N TRP A 150 10.93 22.80 -16.03
CA TRP A 150 9.83 23.24 -16.87
C TRP A 150 9.60 24.75 -16.76
N ILE A 151 9.69 25.29 -15.55
CA ILE A 151 9.54 26.73 -15.37
C ILE A 151 10.63 27.48 -16.10
N LEU A 152 11.87 27.00 -15.98
CA LEU A 152 12.97 27.63 -16.69
C LEU A 152 12.78 27.52 -18.19
N ALA A 153 12.23 26.40 -18.66
CA ALA A 153 11.95 26.25 -20.08
C ALA A 153 10.90 27.25 -20.54
N LEU A 154 9.87 27.48 -19.73
CA LEU A 154 8.87 28.49 -20.07
C LEU A 154 9.50 29.88 -20.12
N VAL A 155 10.35 30.19 -19.15
CA VAL A 155 11.02 31.48 -19.14
C VAL A 155 11.86 31.65 -20.40
N LEU A 156 12.58 30.61 -20.79
CA LEU A 156 13.46 30.70 -21.95
C LEU A 156 12.73 30.50 -23.27
N THR A 157 11.46 30.13 -23.25
CA THR A 157 10.69 30.02 -24.48
C THR A 157 9.70 31.16 -24.68
N LEU A 158 9.46 31.98 -23.65
CA LEU A 158 8.66 33.18 -23.83
C LEU A 158 9.13 34.04 -25.00
N PRO A 159 10.44 34.24 -25.24
CA PRO A 159 10.86 35.01 -26.41
C PRO A 159 10.62 34.29 -27.74
N VAL A 160 9.96 33.14 -27.70
CA VAL A 160 9.55 32.47 -28.92
C VAL A 160 8.08 32.78 -29.24
N PHE A 161 7.21 32.74 -28.24
CA PHE A 161 5.83 33.18 -28.46
C PHE A 161 5.77 34.69 -28.67
N LEU A 162 6.62 35.44 -27.99
CA LEU A 162 6.51 36.90 -28.02
C LEU A 162 6.89 37.47 -29.39
N PHE A 163 7.90 36.91 -30.04
CA PHE A 163 8.47 37.51 -31.23
C PHE A 163 8.46 36.62 -32.48
N LEU A 164 7.51 35.70 -32.57
CA LEU A 164 7.33 34.89 -33.77
C LEU A 164 5.94 35.01 -34.35
N THR A 165 5.87 35.19 -35.67
CA THR A 165 4.60 35.21 -36.39
C THR A 165 4.87 34.78 -37.82
N THR A 166 3.83 34.27 -38.48
CA THR A 166 3.96 33.91 -39.88
C THR A 166 4.34 35.15 -40.69
N VAL A 167 5.29 34.98 -41.60
CA VAL A 167 5.78 36.07 -42.44
C VAL A 167 5.52 35.68 -43.88
N THR A 168 4.80 36.53 -44.61
CA THR A 168 4.46 36.26 -46.00
C THR A 168 5.56 36.78 -46.91
N ILE A 169 6.07 35.90 -47.77
CA ILE A 169 7.11 36.27 -48.72
C ILE A 169 6.51 37.16 -49.79
N PRO A 170 7.28 38.05 -50.41
CA PRO A 170 6.73 38.80 -51.55
C PRO A 170 6.22 37.89 -52.66
N ASN A 171 6.92 36.80 -52.92
CA ASN A 171 6.46 35.79 -53.87
C ASN A 171 5.33 34.95 -53.33
N GLY A 172 4.85 35.29 -52.13
CA GLY A 172 3.77 34.55 -51.52
C GLY A 172 4.17 33.29 -50.80
N ASP A 173 5.46 32.97 -50.76
CA ASP A 173 5.90 31.72 -50.15
C ASP A 173 5.45 31.62 -48.70
N THR A 174 5.40 32.74 -48.00
CA THR A 174 4.91 32.80 -46.62
C THR A 174 5.70 31.87 -45.70
N TYR A 175 6.99 32.16 -45.56
CA TYR A 175 7.86 31.34 -44.74
C TYR A 175 7.53 31.53 -43.26
N CYS A 176 8.21 30.75 -42.42
CA CYS A 176 7.99 30.71 -40.98
C CYS A 176 9.29 31.12 -40.28
N THR A 177 9.44 32.42 -40.01
CA THR A 177 10.62 32.95 -39.34
C THR A 177 10.18 33.99 -38.33
N PHE A 178 11.18 34.60 -37.67
CA PHE A 178 10.90 35.66 -36.72
C PHE A 178 10.50 36.94 -37.46
N ASN A 179 9.95 37.88 -36.71
CA ASN A 179 9.61 39.19 -37.25
C ASN A 179 9.55 40.20 -36.12
N PHE A 180 9.70 41.48 -36.49
CA PHE A 180 9.69 42.56 -35.52
C PHE A 180 8.82 43.73 -35.97
N ALA A 181 7.89 43.47 -36.89
CA ALA A 181 7.00 44.52 -37.37
C ALA A 181 6.19 45.13 -36.23
N SER A 182 5.89 44.34 -35.20
CA SER A 182 5.15 44.84 -34.05
C SER A 182 6.01 45.68 -33.14
N TRP A 183 7.21 46.04 -33.55
CA TRP A 183 8.08 46.87 -32.73
C TRP A 183 9.06 47.63 -33.61
N GLY A 185 7.77 50.00 -36.52
CA GLY A 185 8.18 49.54 -37.83
C GLY A 185 9.33 50.34 -38.40
N THR A 186 9.81 51.31 -37.61
CA THR A 186 10.93 52.16 -38.01
C THR A 186 12.14 51.30 -38.35
N PRO A 187 12.53 51.24 -39.62
CA PRO A 187 13.55 50.27 -40.03
C PRO A 187 14.84 50.35 -39.24
N GLU A 188 15.27 51.55 -38.87
CA GLU A 188 16.46 51.68 -38.04
C GLU A 188 16.28 50.95 -36.71
N GLU A 189 15.32 51.39 -35.90
CA GLU A 189 15.11 50.79 -34.59
C GLU A 189 14.60 49.36 -34.71
N ARG A 190 13.76 49.08 -35.71
CA ARG A 190 13.26 47.73 -35.90
C ARG A 190 14.40 46.76 -36.16
N LEU A 191 15.29 47.09 -37.11
CA LEU A 191 16.40 46.21 -37.41
C LEU A 191 17.39 46.12 -36.25
N LYS A 192 17.59 47.22 -35.52
CA LYS A 192 18.48 47.15 -34.36
C LYS A 192 17.94 46.20 -33.30
N VAL A 193 16.65 46.31 -32.99
CA VAL A 193 16.04 45.40 -32.03
C VAL A 193 16.06 43.98 -32.56
N ALA A 194 15.90 43.82 -33.88
CA ALA A 194 15.94 42.49 -34.48
C ALA A 194 17.30 41.84 -34.27
N ILE A 195 18.36 42.55 -34.62
CA ILE A 195 19.71 42.00 -34.48
C ILE A 195 20.02 41.71 -33.02
N THR A 196 19.66 42.63 -32.11
CA THR A 196 20.02 42.43 -30.72
C THR A 196 19.23 41.29 -30.10
N MET A 197 17.95 41.14 -30.47
CA MET A 197 17.14 40.09 -29.89
C MET A 197 17.35 38.75 -30.60
N LEU A 198 18.04 38.73 -31.74
CA LEU A 198 18.43 37.47 -32.34
C LEU A 198 19.84 37.04 -31.92
N THR A 199 20.70 37.97 -31.52
CA THR A 199 21.96 37.58 -30.91
C THR A 199 21.85 37.41 -29.41
N ALA A 200 20.75 37.85 -28.81
CA ALA A 200 20.44 37.50 -27.43
C ALA A 200 19.98 36.06 -27.30
N ARG A 201 19.45 35.45 -28.33
CA ARG A 201 18.78 34.15 -28.18
C ARG A 201 19.58 33.00 -28.45
N ILE A 203 22.86 32.96 -28.17
CA ILE A 203 23.80 32.87 -27.10
C ILE A 203 23.13 32.08 -26.06
N ILE A 204 21.90 32.38 -25.71
CA ILE A 204 21.19 31.51 -24.76
C ILE A 204 21.07 30.04 -25.18
N ARG A 205 20.73 29.73 -26.42
CA ARG A 205 20.62 28.37 -26.88
C ARG A 205 21.85 27.59 -26.54
N PHE A 206 23.00 28.21 -26.49
CA PHE A 206 24.29 27.60 -26.20
C PHE A 206 24.69 27.70 -24.74
N VAL A 207 24.59 28.89 -24.14
CA VAL A 207 25.06 29.05 -22.77
C VAL A 207 24.18 28.29 -21.79
N ILE A 208 22.87 28.23 -22.05
CA ILE A 208 21.94 27.52 -21.20
C ILE A 208 21.26 26.38 -21.95
N GLY A 209 21.87 25.94 -23.06
CA GLY A 209 21.35 24.80 -23.77
C GLY A 209 22.41 23.75 -24.00
N PHE A 210 23.67 24.15 -23.96
CA PHE A 210 24.79 23.21 -23.98
C PHE A 210 25.70 23.34 -22.77
N SER A 211 26.14 24.57 -22.47
CA SER A 211 27.16 24.73 -21.44
C SER A 211 26.69 24.17 -20.10
N LEU A 212 25.51 24.59 -19.65
CA LEU A 212 25.00 24.09 -18.38
C LEU A 212 24.72 22.60 -18.42
N PRO A 213 23.97 22.05 -19.38
CA PRO A 213 23.67 20.61 -19.33
C PRO A 213 24.88 19.73 -19.58
N MET A 214 25.70 20.06 -20.58
CA MET A 214 26.90 19.27 -20.81
C MET A 214 27.85 19.35 -19.62
N SER A 215 28.02 20.54 -19.04
CA SER A 215 28.86 20.65 -17.87
C SER A 215 28.34 19.79 -16.72
N ILE A 216 27.03 19.85 -16.45
CA ILE A 216 26.48 19.07 -15.35
C ILE A 216 26.67 17.58 -15.60
N VAL A 217 26.35 17.13 -16.81
CA VAL A 217 26.46 15.71 -17.10
C VAL A 217 27.89 15.24 -16.95
N ALA A 218 28.83 15.95 -17.58
CA ALA A 218 30.22 15.54 -17.55
C ALA A 218 30.74 15.52 -16.12
N ILE A 219 30.56 16.62 -15.38
CA ILE A 219 31.12 16.72 -14.03
C ILE A 219 30.52 15.66 -13.13
N CYS A 220 29.19 15.55 -13.11
CA CYS A 220 28.54 14.62 -12.18
C CYS A 220 28.88 13.18 -12.50
N TYR A 221 28.85 12.80 -13.78
CA TYR A 221 29.08 11.40 -14.10
C TYR A 221 30.56 11.03 -13.98
N GLY A 222 31.48 11.95 -14.29
CA GLY A 222 32.87 11.70 -13.97
C GLY A 222 33.10 11.56 -12.48
N LEU A 223 32.40 12.36 -11.67
CA LEU A 223 32.53 12.24 -10.22
C LEU A 223 32.03 10.89 -9.75
N ILE A 224 30.91 10.41 -10.26
CA ILE A 224 30.42 9.12 -9.77
C ILE A 224 31.29 7.98 -10.28
N ALA A 225 31.85 8.11 -11.49
CA ALA A 225 32.81 7.10 -11.93
C ALA A 225 34.04 7.06 -11.04
N ALA A 226 34.56 8.24 -10.67
CA ALA A 226 35.71 8.28 -9.77
C ALA A 226 35.36 7.70 -8.41
N LYS A 227 34.17 8.01 -7.89
CA LYS A 227 33.78 7.49 -6.58
C LYS A 227 33.61 5.99 -6.59
N ILE A 228 33.00 5.44 -7.65
CA ILE A 228 32.82 3.98 -7.71
C ILE A 228 34.04 3.26 -8.24
N HIS A 229 35.09 3.98 -8.60
CA HIS A 229 36.37 3.33 -8.84
C HIS A 229 37.23 3.31 -7.59
N LYS A 230 37.41 4.48 -6.97
CA LYS A 230 38.24 4.56 -5.76
C LYS A 230 37.71 3.65 -4.67
N LYS A 231 36.41 3.74 -4.38
CA LYS A 231 35.80 2.89 -3.37
C LYS A 231 35.82 1.42 -3.77
N GLY A 232 36.08 1.12 -5.04
CA GLY A 232 35.99 -0.23 -5.53
C GLY A 232 34.57 -0.57 -5.95
N MET A 233 34.31 -1.88 -6.05
CA MET A 233 33.01 -2.42 -6.41
C MET A 233 32.64 -2.16 -7.87
N ILE A 234 33.63 -1.90 -8.72
CA ILE A 234 33.39 -1.89 -10.17
C ILE A 234 33.64 -3.31 -10.64
N LYS A 235 32.59 -4.13 -10.51
CA LYS A 235 32.76 -5.57 -10.70
C LYS A 235 32.80 -5.95 -12.17
N SER A 236 31.71 -5.71 -12.90
CA SER A 236 31.62 -6.13 -14.28
C SER A 236 32.00 -4.97 -15.21
N SER A 237 31.81 -5.15 -16.51
CA SER A 237 32.04 -4.10 -17.48
C SER A 237 30.78 -3.29 -17.80
N ARG A 238 29.81 -3.31 -16.89
CA ARG A 238 28.59 -2.53 -17.00
C ARG A 238 28.79 -1.05 -16.66
N PRO A 239 29.36 -0.71 -15.49
CA PRO A 239 29.32 0.70 -15.08
C PRO A 239 30.10 1.64 -15.99
N LEU A 240 31.37 1.34 -16.24
CA LEU A 240 32.16 2.22 -17.09
C LEU A 240 31.68 2.23 -18.53
N ARG A 241 30.82 1.29 -18.92
CA ARG A 241 30.26 1.31 -20.26
C ARG A 241 29.09 2.27 -20.35
N VAL A 242 28.04 2.02 -19.55
CA VAL A 242 26.83 2.84 -19.61
C VAL A 242 27.02 4.21 -18.99
N LEU A 243 28.08 4.42 -18.21
CA LEU A 243 28.29 5.73 -17.60
C LEU A 243 29.04 6.67 -18.54
N THR A 244 29.80 6.13 -19.48
CA THR A 244 30.36 6.94 -20.56
C THR A 244 29.49 6.98 -21.79
N ALA A 245 28.64 5.96 -21.98
CA ALA A 245 27.71 5.97 -23.11
C ALA A 245 26.77 7.15 -23.03
N VAL A 246 26.34 7.51 -21.82
CA VAL A 246 25.41 8.62 -21.66
C VAL A 246 26.08 9.95 -21.96
N VAL A 247 27.30 10.17 -21.47
CA VAL A 247 28.00 11.40 -21.77
C VAL A 247 28.27 11.51 -23.27
N ALA A 248 28.69 10.40 -23.88
CA ALA A 248 28.93 10.41 -25.31
C ALA A 248 27.64 10.68 -26.09
N SER A 249 26.53 10.08 -25.67
CA SER A 249 25.29 10.27 -26.40
C SER A 249 24.70 11.65 -26.19
N PHE A 250 25.12 12.35 -25.15
CA PHE A 250 24.73 13.74 -24.99
C PHE A 250 25.68 14.70 -25.70
N PHE A 251 26.92 14.28 -25.95
CA PHE A 251 27.87 15.16 -26.61
C PHE A 251 27.86 15.01 -28.12
N ILE A 252 28.04 13.79 -28.62
CA ILE A 252 28.11 13.53 -30.06
C ILE A 252 26.76 13.73 -30.71
N CYS A 253 25.74 14.07 -29.93
CA CYS A 253 24.41 14.31 -30.45
C CYS A 253 23.84 15.67 -30.07
N TRP A 254 24.65 16.56 -29.49
CA TRP A 254 24.19 17.93 -29.25
C TRP A 254 25.24 18.95 -29.66
N PHE A 255 26.52 18.56 -29.62
CA PHE A 255 27.58 19.53 -29.84
C PHE A 255 27.58 20.17 -31.22
N PRO A 256 27.40 19.44 -32.33
CA PRO A 256 27.38 20.13 -33.63
C PRO A 256 26.33 21.23 -33.71
N PHE A 257 25.16 21.02 -33.12
CA PHE A 257 24.15 22.07 -33.12
C PHE A 257 24.63 23.29 -32.36
N GLN A 258 25.28 23.07 -31.22
CA GLN A 258 25.74 24.20 -30.41
C GLN A 258 27.07 24.76 -30.87
N LEU A 259 27.64 24.23 -31.95
CA LEU A 259 28.70 24.90 -32.68
C LEU A 259 28.17 25.70 -33.86
N VAL A 260 27.30 25.09 -34.66
CA VAL A 260 26.71 25.79 -35.81
C VAL A 260 25.90 26.99 -35.34
N ALA A 261 25.02 26.77 -34.35
CA ALA A 261 24.20 27.87 -33.86
C ALA A 261 25.01 28.91 -33.11
N LEU A 262 26.06 28.49 -32.38
CA LEU A 262 26.93 29.46 -31.73
C LEU A 262 27.60 30.35 -32.77
N LEU A 263 28.16 29.74 -33.82
CA LEU A 263 28.77 30.53 -34.89
C LEU A 263 27.75 31.47 -35.52
N GLY A 264 26.57 30.96 -35.86
CA GLY A 264 25.55 31.82 -36.44
C GLY A 264 25.20 32.98 -35.53
N THR A 265 25.08 32.72 -34.23
CA THR A 265 24.77 33.79 -33.29
C THR A 265 25.93 34.75 -33.10
N VAL A 266 27.15 34.37 -33.48
CA VAL A 266 28.24 35.35 -33.47
C VAL A 266 28.59 35.85 -34.87
N TRP A 267 28.00 35.29 -35.92
CA TRP A 267 28.16 35.79 -37.28
C TRP A 267 26.83 36.20 -37.89
N LEU A 268 25.89 36.67 -37.07
CA LEU A 268 24.60 37.09 -37.59
C LEU A 268 24.71 38.10 -38.73
N LYS A 269 25.62 39.07 -38.59
CA LYS A 269 25.82 40.09 -39.61
C LYS A 269 26.22 39.48 -40.95
N GLU A 270 27.35 38.76 -40.97
CA GLU A 270 27.89 38.22 -42.21
C GLU A 270 26.98 37.18 -42.84
N MET A 271 25.99 36.67 -42.12
CA MET A 271 25.03 35.74 -42.69
C MET A 271 23.73 36.41 -43.08
N LEU A 272 23.42 37.57 -42.51
CA LEU A 272 22.16 38.27 -42.79
C LEU A 272 22.32 39.38 -43.81
N PHE A 273 23.53 39.81 -44.10
CA PHE A 273 23.76 40.91 -45.02
C PHE A 273 24.46 40.50 -46.31
N TYR A 274 25.17 39.39 -46.33
CA TYR A 274 26.10 39.12 -47.42
C TYR A 274 25.92 37.78 -48.12
N GLY A 275 25.28 36.80 -47.49
CA GLY A 275 25.21 35.48 -48.08
C GLY A 275 26.57 34.84 -48.27
N TYR A 277 29.04 33.56 -45.71
CA TYR A 277 29.28 32.38 -44.88
C TYR A 277 28.11 31.40 -44.99
N LYS A 278 27.86 30.96 -46.23
CA LYS A 278 26.77 30.06 -46.50
C LYS A 278 27.01 28.65 -45.98
N ILE A 279 28.24 28.36 -45.53
CA ILE A 279 28.51 27.03 -45.00
C ILE A 279 27.69 26.77 -43.73
N ILE A 280 27.64 27.76 -42.84
CA ILE A 280 26.94 27.58 -41.56
C ILE A 280 25.48 27.24 -41.80
N ASP A 281 24.81 28.03 -42.64
CA ASP A 281 23.41 27.74 -42.95
C ASP A 281 23.26 26.48 -43.79
N ILE A 282 24.30 26.10 -44.55
CA ILE A 282 24.23 24.92 -45.39
C ILE A 282 24.18 23.63 -44.59
N LEU A 283 24.45 23.69 -43.29
CA LEU A 283 24.59 22.49 -42.48
C LEU A 283 23.66 22.48 -41.28
N VAL A 284 22.71 23.42 -41.19
CA VAL A 284 21.88 23.49 -40.00
C VAL A 284 20.94 22.29 -39.92
N ASN A 285 20.40 21.85 -41.06
CA ASN A 285 19.52 20.69 -41.05
C ASN A 285 20.24 19.42 -40.62
N PRO A 286 21.44 19.11 -41.12
CA PRO A 286 22.13 17.90 -40.62
C PRO A 286 22.34 17.91 -39.12
N THR A 287 22.93 18.99 -38.60
CA THR A 287 23.17 19.04 -37.17
C THR A 287 21.87 19.13 -36.39
N SER A 288 20.80 19.66 -37.00
CA SER A 288 19.49 19.63 -36.34
C SER A 288 19.00 18.22 -36.18
N SER A 289 19.13 17.39 -37.22
CA SER A 289 18.73 16.00 -37.11
C SER A 289 19.56 15.30 -36.05
N LEU A 290 20.87 15.58 -36.02
CA LEU A 290 21.72 14.95 -35.02
C LEU A 290 21.33 15.38 -33.61
N ALA A 291 20.97 16.65 -33.45
CA ALA A 291 20.52 17.13 -32.14
C ALA A 291 19.22 16.46 -31.72
N PHE A 292 18.28 16.31 -32.64
CA PHE A 292 17.00 15.70 -32.30
C PHE A 292 17.12 14.21 -32.06
N PHE A 293 18.17 13.56 -32.59
CA PHE A 293 18.34 12.13 -32.37
C PHE A 293 18.50 11.82 -30.88
N ASN A 294 18.99 12.77 -30.10
CA ASN A 294 19.15 12.56 -28.66
C ASN A 294 17.83 12.29 -27.98
N SER A 295 16.75 12.93 -28.45
CA SER A 295 15.45 12.72 -27.85
C SER A 295 15.00 11.27 -28.01
N CYS A 296 15.25 10.67 -29.16
CA CYS A 296 14.89 9.27 -29.35
C CYS A 296 15.87 8.35 -28.63
N LEU A 297 17.11 8.79 -28.45
CA LEU A 297 18.10 7.92 -27.83
C LEU A 297 17.94 7.87 -26.31
N ASN A 298 17.42 8.93 -25.69
CA ASN A 298 17.36 9.03 -24.24
C ASN A 298 16.70 7.84 -23.54
N PRO A 299 15.54 7.35 -23.96
CA PRO A 299 14.97 6.18 -23.26
C PRO A 299 15.87 4.96 -23.31
N MET A 300 16.56 4.74 -24.41
CA MET A 300 17.46 3.60 -24.53
C MET A 300 18.72 3.77 -23.76
N LEU A 301 18.81 4.83 -22.97
CA LEU A 301 20.05 5.16 -22.27
C LEU A 301 19.86 5.47 -20.80
N TYR A 302 18.65 5.82 -20.36
CA TYR A 302 18.38 6.14 -18.97
C TYR A 302 17.43 5.17 -18.31
N VAL A 303 16.51 4.59 -19.07
CA VAL A 303 15.41 3.80 -18.52
C VAL A 303 15.57 2.32 -18.87
N PHE A 304 15.80 2.02 -20.14
CA PHE A 304 15.90 0.62 -20.57
C PHE A 304 17.15 -0.06 -20.03
N VAL A 305 18.17 0.70 -19.65
CA VAL A 305 19.40 0.11 -19.15
C VAL A 305 19.15 -0.63 -17.84
N GLY A 306 18.38 -0.04 -16.94
CA GLY A 306 18.11 -0.69 -15.67
C GLY A 306 17.40 -2.02 -15.84
N GLN A 307 17.88 -3.03 -15.12
CA GLN A 307 17.33 -4.38 -15.29
C GLN A 307 15.92 -4.48 -14.75
N ASP A 308 15.62 -3.80 -13.65
CA ASP A 308 14.29 -3.88 -13.06
C ASP A 308 13.23 -3.37 -14.03
N PHE A 309 13.52 -2.26 -14.72
CA PHE A 309 12.58 -1.77 -15.72
C PHE A 309 12.42 -2.75 -16.85
N ARG A 310 13.52 -3.39 -17.28
CA ARG A 310 13.41 -4.35 -18.37
C ARG A 310 12.51 -5.51 -17.98
N GLU A 311 12.68 -6.03 -16.77
CA GLU A 311 11.82 -7.11 -16.30
C GLU A 311 10.36 -6.65 -16.20
N ARG A 312 10.15 -5.42 -15.72
CA ARG A 312 8.78 -4.92 -15.60
C ARG A 312 8.13 -4.79 -16.97
N LEU A 313 8.87 -4.30 -17.96
CA LEU A 313 8.34 -4.20 -19.31
C LEU A 313 8.05 -5.58 -19.88
N ILE A 314 8.94 -6.54 -19.64
CA ILE A 314 8.74 -7.89 -20.17
C ILE A 314 7.48 -8.51 -19.58
N HIS A 315 7.29 -8.38 -18.26
CA HIS A 315 6.11 -8.93 -17.65
C HIS A 315 4.85 -8.14 -18.00
N SER A 316 4.99 -6.87 -18.38
CA SER A 316 3.83 -6.06 -18.72
C SER A 316 3.22 -6.47 -20.05
N LEU A 317 4.06 -6.67 -21.06
CA LEU A 317 3.57 -7.01 -22.40
C LEU A 317 4.63 -7.78 -23.18
N LEU B 5 -24.13 12.32 -7.57
CA LEU B 5 -22.69 12.49 -7.45
C LEU B 5 -22.23 12.31 -6.01
N SER B 6 -22.38 13.36 -5.19
CA SER B 6 -21.93 13.31 -3.81
C SER B 6 -22.69 14.33 -2.99
N ALA B 7 -23.17 13.92 -1.82
CA ALA B 7 -23.81 14.82 -0.87
C ALA B 7 -23.00 14.98 0.41
N GLU B 8 -22.69 13.87 1.08
CA GLU B 8 -21.72 13.85 2.15
C GLU B 8 -20.62 12.84 1.90
N ASP B 9 -20.77 11.99 0.89
CA ASP B 9 -19.63 11.24 0.38
C ASP B 9 -18.55 12.17 -0.13
N LYS B 10 -18.92 13.37 -0.55
CA LYS B 10 -17.94 14.40 -0.86
C LYS B 10 -17.10 14.74 0.36
N ALA B 11 -17.69 14.65 1.54
CA ALA B 11 -16.93 14.83 2.77
C ALA B 11 -16.26 13.55 3.24
N ALA B 12 -16.60 12.40 2.64
CA ALA B 12 -15.92 11.15 2.94
C ALA B 12 -14.65 10.98 2.11
N VAL B 13 -14.70 11.39 0.85
CA VAL B 13 -13.50 11.36 0.02
C VAL B 13 -12.47 12.34 0.57
N GLU B 14 -12.91 13.40 1.25
CA GLU B 14 -11.98 14.31 1.90
C GLU B 14 -11.21 13.60 3.01
N ARG B 15 -11.92 12.84 3.84
CA ARG B 15 -11.25 12.07 4.89
C ARG B 15 -10.33 11.03 4.29
N SER B 16 -10.77 10.39 3.20
CA SER B 16 -9.94 9.41 2.52
C SER B 16 -8.63 10.03 2.04
N LYS B 17 -8.72 11.18 1.36
CA LYS B 17 -7.51 11.82 0.87
C LYS B 17 -6.64 12.33 2.00
N MET B 18 -7.25 12.77 3.11
CA MET B 18 -6.45 13.20 4.25
C MET B 18 -5.63 12.05 4.81
N ILE B 19 -6.27 10.91 5.05
CA ILE B 19 -5.50 9.80 5.61
C ILE B 19 -4.60 9.13 4.58
N ASP B 20 -4.90 9.29 3.28
CA ASP B 20 -3.98 8.82 2.25
C ASP B 20 -2.72 9.68 2.24
N ARG B 21 -2.88 11.00 2.39
CA ARG B 21 -1.71 11.86 2.54
C ARG B 21 -0.93 11.51 3.80
N ASN B 22 -1.63 11.18 4.88
CA ASN B 22 -0.95 10.77 6.09
C ASN B 22 -0.15 9.49 5.88
N LEU B 23 -0.74 8.53 5.14
CA LEU B 23 -0.01 7.30 4.83
C LEU B 23 1.23 7.59 4.00
N ARG B 24 1.10 8.45 2.99
CA ARG B 24 2.26 8.80 2.15
C ARG B 24 3.33 9.48 2.96
N GLU B 25 2.94 10.36 3.88
CA GLU B 25 3.92 11.02 4.73
C GLU B 25 4.60 10.03 5.66
N ASP B 26 3.86 9.06 6.19
CA ASP B 26 4.47 8.05 7.04
C ASP B 26 5.46 7.19 6.25
N GLY B 27 5.09 6.82 5.01
CA GLY B 27 6.00 6.04 4.20
C GLY B 27 7.29 6.75 3.85
N GLU B 28 7.23 8.08 3.71
CA GLU B 28 8.44 8.84 3.47
C GLU B 28 9.42 8.70 4.62
N LYS B 29 8.92 8.73 5.86
CA LYS B 29 9.76 8.52 7.01
C LYS B 29 9.82 7.07 7.45
N ALA B 30 9.14 6.17 6.73
CA ALA B 30 9.27 4.74 6.98
C ALA B 30 10.34 4.12 6.10
N ALA B 31 10.42 4.55 4.83
CA ALA B 31 11.50 4.14 3.93
C ALA B 31 12.74 4.98 4.11
N ARG B 32 12.84 5.67 5.24
CA ARG B 32 14.02 6.47 5.56
C ARG B 32 14.97 5.78 6.52
N GLU B 33 14.48 4.83 7.30
CA GLU B 33 15.28 4.11 8.27
C GLU B 33 15.73 2.80 7.64
N VAL B 34 17.04 2.56 7.63
CA VAL B 34 17.59 1.38 6.98
C VAL B 34 17.33 0.16 7.84
N LYS B 35 16.65 -0.83 7.26
CA LYS B 35 16.29 -2.04 7.99
C LYS B 35 17.43 -3.05 7.94
N LEU B 36 17.58 -3.81 9.02
CA LEU B 36 18.78 -4.62 9.16
C LEU B 36 18.50 -5.83 10.06
N LEU B 37 18.61 -7.04 9.51
CA LEU B 37 18.38 -8.24 10.32
C LEU B 37 19.56 -8.53 11.23
N LEU B 38 19.31 -9.41 12.20
CA LEU B 38 20.35 -9.95 13.06
C LEU B 38 20.05 -11.41 13.35
N LEU B 39 21.00 -12.28 13.05
CA LEU B 39 20.83 -13.72 13.28
C LEU B 39 22.01 -14.31 14.04
N GLY B 40 22.05 -15.61 14.16
CA GLY B 40 23.13 -16.28 14.84
C GLY B 40 22.68 -17.61 15.43
N ALA B 41 23.65 -18.35 15.95
CA ALA B 41 23.34 -19.65 16.54
C ALA B 41 22.72 -19.49 17.91
N GLY B 42 23.14 -18.49 18.67
CA GLY B 42 22.60 -18.24 19.98
C GLY B 42 23.68 -18.09 21.03
N GLU B 43 24.73 -18.91 20.92
CA GLU B 43 25.91 -18.71 21.75
C GLU B 43 26.74 -17.54 21.26
N SER B 44 26.67 -17.24 19.96
CA SER B 44 27.36 -16.07 19.42
C SER B 44 26.78 -14.79 20.02
N GLY B 45 27.66 -13.84 20.29
CA GLY B 45 27.26 -12.62 20.98
C GLY B 45 26.45 -11.64 20.15
N LYS B 46 25.31 -12.08 19.61
CA LYS B 46 24.37 -11.09 19.07
C LYS B 46 23.85 -10.19 20.16
N SER B 47 23.63 -10.76 21.36
CA SER B 47 23.34 -9.94 22.52
C SER B 47 24.48 -8.97 22.79
N THR B 48 25.71 -9.42 22.60
CA THR B 48 26.85 -8.54 22.82
C THR B 48 26.82 -7.35 21.87
N ILE B 49 26.61 -7.61 20.58
CA ILE B 49 26.66 -6.53 19.61
C ILE B 49 25.49 -5.58 19.79
N VAL B 50 24.30 -6.10 20.12
CA VAL B 50 23.19 -5.18 20.35
C VAL B 50 23.41 -4.39 21.64
N LYS B 51 24.08 -4.98 22.63
CA LYS B 51 24.42 -4.23 23.83
C LYS B 51 25.38 -3.09 23.50
N GLN B 52 26.37 -3.35 22.66
CA GLN B 52 27.29 -2.30 22.24
C GLN B 52 26.68 -1.60 21.03
N MET B 53 25.90 -0.56 21.30
CA MET B 53 25.24 0.20 20.25
C MET B 53 25.14 1.65 20.70
N LYS B 54 25.80 2.54 19.97
CA LYS B 54 25.79 3.96 20.31
C LYS B 54 24.39 4.55 20.23
N THR B 182 8.32 -11.10 25.05
CA THR B 182 8.87 -12.03 24.07
C THR B 182 8.59 -11.57 22.64
N GLY B 183 8.94 -12.41 21.68
CA GLY B 183 8.74 -12.09 20.29
C GLY B 183 9.92 -11.37 19.67
N ILE B 184 9.67 -10.83 18.47
CA ILE B 184 10.71 -10.12 17.75
C ILE B 184 11.14 -8.90 18.55
N VAL B 185 12.46 -8.71 18.66
CA VAL B 185 13.03 -7.61 19.42
C VAL B 185 13.43 -6.51 18.44
N GLU B 186 13.03 -5.28 18.76
CA GLU B 186 13.28 -4.13 17.92
C GLU B 186 14.39 -3.29 18.55
N THR B 187 15.35 -2.86 17.73
CA THR B 187 16.41 -1.98 18.19
C THR B 187 16.69 -0.95 17.11
N HIS B 188 16.68 0.32 17.48
CA HIS B 188 16.95 1.41 16.57
C HIS B 188 18.09 2.26 17.11
N PHE B 189 18.91 2.78 16.21
CA PHE B 189 20.02 3.63 16.61
C PHE B 189 20.38 4.55 15.45
N THR B 190 21.33 5.45 15.70
CA THR B 190 21.74 6.44 14.71
C THR B 190 23.25 6.45 14.56
N PHE B 191 23.71 6.78 13.36
CA PHE B 191 25.13 6.96 13.11
C PHE B 191 25.31 7.79 11.86
N LYS B 192 25.93 8.97 12.00
CA LYS B 192 26.16 9.89 10.89
C LYS B 192 24.85 10.20 10.16
N ASP B 193 23.82 10.52 10.93
CA ASP B 193 22.52 10.93 10.39
C ASP B 193 21.95 9.88 9.44
N LEU B 194 22.12 8.62 9.80
CA LEU B 194 21.47 7.51 9.11
C LEU B 194 20.84 6.61 10.17
N HIS B 195 19.52 6.50 10.14
CA HIS B 195 18.75 5.83 11.19
C HIS B 195 18.69 4.34 10.89
N PHE B 196 19.41 3.54 11.68
CA PHE B 196 19.39 2.10 11.55
C PHE B 196 18.30 1.50 12.41
N LYS B 197 17.66 0.45 11.91
CA LYS B 197 16.64 -0.29 12.64
C LYS B 197 16.97 -1.77 12.53
N MET B 198 17.49 -2.35 13.62
CA MET B 198 17.86 -3.74 13.66
C MET B 198 16.69 -4.59 14.17
N PHE B 199 16.51 -5.76 13.57
CA PHE B 199 15.50 -6.71 13.99
C PHE B 199 16.20 -7.98 14.46
N ASP B 200 15.97 -8.35 15.71
CA ASP B 200 16.48 -9.59 16.27
C ASP B 200 15.30 -10.53 16.47
N VAL B 201 15.43 -11.75 15.95
CA VAL B 201 14.34 -12.71 16.00
C VAL B 201 14.74 -13.99 16.74
N GLY B 202 16.01 -14.13 17.13
CA GLY B 202 16.45 -15.35 17.78
C GLY B 202 15.66 -15.72 19.01
N GLY B 203 14.85 -14.80 19.53
CA GLY B 203 13.92 -15.13 20.61
C GLY B 203 12.79 -16.03 20.15
N GLN B 204 12.63 -16.24 18.85
CA GLN B 204 11.58 -17.12 18.31
C GLN B 204 12.19 -18.48 18.01
N ARG B 205 11.85 -19.47 18.82
CA ARG B 205 12.30 -20.85 18.60
C ARG B 205 11.24 -21.62 17.81
N SER B 206 10.91 -21.08 16.64
CA SER B 206 9.91 -21.64 15.74
C SER B 206 10.56 -21.99 14.40
N GLU B 207 9.74 -22.47 13.47
CA GLU B 207 10.24 -22.80 12.15
C GLU B 207 10.73 -21.55 11.45
N ARG B 208 12.02 -21.55 11.08
CA ARG B 208 12.62 -20.34 10.52
C ARG B 208 12.13 -20.06 9.11
N LYS B 209 11.70 -21.09 8.39
CA LYS B 209 11.31 -20.93 6.99
C LYS B 209 9.94 -20.28 6.82
N LYS B 210 9.38 -19.72 7.90
CA LYS B 210 8.07 -19.09 7.84
C LYS B 210 8.07 -17.61 8.20
N TRP B 211 8.98 -17.16 9.05
CA TRP B 211 9.09 -15.75 9.36
C TRP B 211 10.30 -15.09 8.70
N ILE B 212 11.12 -15.84 7.96
CA ILE B 212 12.30 -15.26 7.35
C ILE B 212 11.98 -14.53 6.06
N HIS B 213 10.88 -14.85 5.40
CA HIS B 213 10.54 -14.15 4.16
C HIS B 213 9.97 -12.77 4.43
N CYS B 214 9.53 -12.49 5.66
CA CYS B 214 9.06 -11.15 5.98
C CYS B 214 10.18 -10.13 5.87
N PHE B 215 11.42 -10.56 6.09
CA PHE B 215 12.57 -9.66 5.98
C PHE B 215 13.17 -9.68 4.58
N GLU B 216 12.34 -9.46 3.57
CA GLU B 216 12.86 -9.45 2.20
C GLU B 216 13.64 -8.18 1.94
N GLY B 217 13.13 -7.03 2.36
CA GLY B 217 13.71 -5.76 1.99
C GLY B 217 14.82 -5.28 2.89
N VAL B 218 15.29 -6.09 3.83
CA VAL B 218 16.37 -5.65 4.70
C VAL B 218 17.60 -5.32 3.87
N THR B 219 18.22 -4.19 4.19
CA THR B 219 19.44 -3.81 3.49
C THR B 219 20.57 -4.79 3.77
N ALA B 220 20.72 -5.21 5.01
CA ALA B 220 21.83 -6.08 5.37
C ALA B 220 21.41 -7.01 6.50
N ILE B 221 22.17 -8.09 6.64
CA ILE B 221 21.93 -9.10 7.67
C ILE B 221 23.20 -9.20 8.50
N ILE B 222 23.13 -8.80 9.76
CA ILE B 222 24.28 -8.98 10.65
C ILE B 222 24.24 -10.41 11.20
N PHE B 223 25.25 -11.19 10.85
CA PHE B 223 25.37 -12.57 11.28
C PHE B 223 26.41 -12.64 12.38
N CYS B 224 26.14 -13.45 13.39
CA CYS B 224 27.07 -13.62 14.50
C CYS B 224 27.48 -15.08 14.60
N VAL B 225 28.79 -15.33 14.60
CA VAL B 225 29.34 -16.66 14.75
C VAL B 225 30.42 -16.58 15.83
N ALA B 226 30.37 -17.49 16.79
CA ALA B 226 31.36 -17.52 17.86
C ALA B 226 32.54 -18.38 17.43
N LEU B 227 33.72 -17.76 17.31
CA LEU B 227 34.93 -18.52 17.02
C LEU B 227 35.23 -19.50 18.14
N SER B 228 35.05 -19.09 19.39
CA SER B 228 35.25 -19.96 20.52
C SER B 228 34.09 -20.96 20.62
N TYR B 230 33.86 -24.36 20.60
CA TYR B 230 33.73 -25.79 20.42
C TYR B 230 33.13 -26.43 21.67
N ASP B 231 32.20 -25.72 22.30
CA ASP B 231 31.54 -26.24 23.49
C ASP B 231 30.75 -27.51 23.18
N LEU B 232 30.02 -27.51 22.06
CA LEU B 232 29.19 -28.65 21.69
C LEU B 232 29.61 -29.27 20.35
N VAL B 233 29.79 -28.45 19.32
CA VAL B 233 30.12 -28.97 18.00
C VAL B 233 31.20 -28.12 17.34
N MET B 243 29.55 -24.66 16.54
CA MET B 243 30.43 -24.08 15.53
C MET B 243 30.07 -24.61 14.15
N HIS B 244 30.00 -25.93 14.03
CA HIS B 244 29.49 -26.53 12.79
C HIS B 244 28.04 -26.12 12.57
N GLU B 245 27.27 -26.01 13.65
CA GLU B 245 25.89 -25.55 13.53
C GLU B 245 25.83 -24.15 12.95
N SER B 246 26.73 -23.27 13.39
CA SER B 246 26.76 -21.92 12.84
C SER B 246 27.10 -21.94 11.36
N MET B 247 28.07 -22.78 10.96
CA MET B 247 28.42 -22.87 9.54
C MET B 247 27.25 -23.37 8.72
N LYS B 248 26.50 -24.35 9.23
CA LYS B 248 25.30 -24.79 8.54
C LYS B 248 24.27 -23.68 8.48
N LEU B 249 24.19 -22.87 9.53
CA LEU B 249 23.25 -21.75 9.56
C LEU B 249 23.58 -20.72 8.49
N PHE B 250 24.86 -20.40 8.32
CA PHE B 250 25.27 -19.42 7.33
C PHE B 250 24.87 -19.86 5.93
N ASP B 251 25.06 -21.14 5.61
CA ASP B 251 24.64 -21.65 4.32
C ASP B 251 23.14 -21.55 4.15
N SER B 252 22.37 -21.67 5.24
CA SER B 252 20.93 -21.55 5.16
C SER B 252 20.45 -20.10 5.10
N ILE B 253 21.32 -19.14 5.41
CA ILE B 253 20.99 -17.73 5.33
C ILE B 253 21.57 -17.08 4.08
N CYS B 254 22.86 -17.32 3.83
CA CYS B 254 23.52 -16.72 2.68
C CYS B 254 22.89 -17.19 1.37
N ASN B 255 22.72 -18.50 1.22
CA ASN B 255 22.16 -19.06 -0.01
C ASN B 255 20.65 -19.06 -0.02
N ASN B 256 20.00 -18.56 1.03
CA ASN B 256 18.54 -18.54 1.09
C ASN B 256 17.99 -17.71 -0.06
N LYS B 257 16.85 -18.15 -0.60
CA LYS B 257 16.31 -17.51 -1.79
C LYS B 257 15.77 -16.12 -1.52
N TRP B 258 15.52 -15.77 -0.27
CA TRP B 258 15.02 -14.44 0.09
C TRP B 258 16.14 -13.44 0.31
N PHE B 259 17.40 -13.85 0.12
CA PHE B 259 18.52 -12.98 0.41
C PHE B 259 19.58 -13.00 -0.69
N THR B 260 19.18 -13.19 -1.95
CA THR B 260 20.15 -13.29 -3.03
C THR B 260 20.90 -11.98 -3.23
N ASP B 261 20.26 -10.85 -2.96
CA ASP B 261 20.87 -9.55 -3.17
C ASP B 261 21.13 -8.79 -1.87
N THR B 262 20.81 -9.37 -0.73
CA THR B 262 20.99 -8.71 0.56
C THR B 262 22.36 -9.08 1.11
N SER B 263 23.20 -8.09 1.35
CA SER B 263 24.53 -8.34 1.86
C SER B 263 24.47 -8.85 3.30
N ILE B 264 25.48 -9.64 3.66
CA ILE B 264 25.58 -10.22 4.99
C ILE B 264 26.86 -9.68 5.64
N ILE B 265 26.67 -8.96 6.74
CA ILE B 265 27.79 -8.48 7.55
C ILE B 265 28.11 -9.60 8.54
N LEU B 266 29.10 -10.41 8.20
CA LEU B 266 29.51 -11.50 9.09
C LEU B 266 30.28 -10.94 10.27
N PHE B 267 30.14 -11.59 11.42
CA PHE B 267 30.75 -11.12 12.66
C PHE B 267 31.31 -12.33 13.39
N LEU B 268 32.63 -12.46 13.39
CA LEU B 268 33.28 -13.49 14.18
C LEU B 268 33.56 -12.91 15.56
N ASN B 269 32.86 -13.42 16.57
CA ASN B 269 32.96 -12.89 17.92
C ASN B 269 33.89 -13.75 18.77
N LYS B 270 34.07 -13.30 20.02
CA LYS B 270 34.95 -13.98 20.97
C LYS B 270 36.36 -14.16 20.40
N LYS B 271 36.86 -13.11 19.76
CA LYS B 271 38.22 -13.16 19.21
C LYS B 271 39.25 -13.36 20.32
N ASP B 272 39.10 -12.63 21.42
CA ASP B 272 40.06 -12.75 22.52
C ASP B 272 40.05 -14.17 23.11
N LEU B 273 38.85 -14.70 23.35
CA LEU B 273 38.75 -16.06 23.85
C LEU B 273 39.28 -17.07 22.85
N PHE B 274 39.06 -16.81 21.55
CA PHE B 274 39.60 -17.71 20.53
C PHE B 274 41.11 -17.72 20.56
N GLU B 275 41.73 -16.54 20.68
CA GLU B 275 43.19 -16.47 20.75
C GLU B 275 43.72 -17.18 21.98
N GLU B 276 43.07 -16.96 23.14
CA GLU B 276 43.53 -17.63 24.36
C GLU B 276 43.16 -19.10 24.40
N LYS B 277 42.31 -19.56 23.50
CA LYS B 277 41.86 -20.95 23.47
C LYS B 277 42.64 -21.82 22.49
N ILE B 278 42.94 -21.29 21.31
CA ILE B 278 43.48 -22.13 20.23
C ILE B 278 44.82 -22.75 20.64
N LYS B 279 45.56 -22.08 21.53
CA LYS B 279 46.80 -22.67 22.02
C LYS B 279 46.52 -23.94 22.81
N LYS B 280 45.49 -23.94 23.64
CA LYS B 280 45.19 -25.07 24.51
C LYS B 280 44.52 -26.23 23.79
N SER B 281 43.92 -26.00 22.62
CA SER B 281 43.22 -27.06 21.92
C SER B 281 43.42 -26.91 20.42
N PRO B 282 43.78 -27.97 19.72
CA PRO B 282 44.04 -27.86 18.29
C PRO B 282 42.79 -27.50 17.51
N LEU B 283 43.00 -26.80 16.39
CA LEU B 283 41.90 -26.45 15.50
C LEU B 283 41.39 -27.63 14.69
N THR B 284 42.09 -28.75 14.71
CA THR B 284 41.65 -29.92 13.96
C THR B 284 40.40 -30.55 14.54
N ILE B 285 40.12 -30.32 15.82
CA ILE B 285 38.98 -30.97 16.47
C ILE B 285 37.68 -30.59 15.77
N CYS B 286 37.65 -29.43 15.13
CA CYS B 286 36.53 -29.04 14.29
C CYS B 286 36.91 -28.86 12.83
N TYR B 287 38.20 -28.76 12.58
CA TYR B 287 38.62 -28.59 11.23
C TYR B 287 39.64 -29.65 10.92
N PRO B 288 39.19 -30.88 10.74
CA PRO B 288 40.23 -31.86 10.50
C PRO B 288 41.02 -31.55 9.26
N GLU B 289 40.37 -31.08 8.21
CA GLU B 289 41.04 -30.82 6.97
C GLU B 289 42.34 -30.06 7.16
N TYR B 290 42.27 -28.90 7.80
CA TYR B 290 43.46 -28.07 8.00
C TYR B 290 43.43 -27.27 9.29
N ALA B 291 44.56 -27.15 9.95
CA ALA B 291 44.64 -26.34 11.14
C ALA B 291 45.68 -25.27 10.86
N GLY B 292 46.70 -25.63 10.09
CA GLY B 292 47.73 -24.68 9.74
C GLY B 292 48.52 -24.17 10.93
N SER B 293 49.07 -22.97 10.82
CA SER B 293 49.76 -22.38 11.95
C SER B 293 48.86 -22.16 13.15
N ASN B 294 49.35 -22.49 14.33
CA ASN B 294 48.49 -22.37 15.49
C ASN B 294 48.54 -21.04 16.16
N THR B 295 48.57 -19.98 15.37
CA THR B 295 48.49 -18.67 15.93
C THR B 295 47.13 -18.11 15.52
N TYR B 296 46.60 -17.14 16.27
CA TYR B 296 45.29 -16.55 15.97
C TYR B 296 45.25 -15.96 14.58
N GLU B 297 46.29 -15.21 14.19
CA GLU B 297 46.33 -14.60 12.87
C GLU B 297 46.31 -15.62 11.74
N GLU B 298 46.40 -16.91 12.05
CA GLU B 298 46.37 -17.96 11.04
C GLU B 298 45.10 -18.80 11.10
N ALA B 299 44.77 -19.35 12.27
CA ALA B 299 43.57 -20.18 12.38
C ALA B 299 42.32 -19.38 12.08
N ALA B 300 42.19 -18.20 12.69
CA ALA B 300 41.06 -17.34 12.40
C ALA B 300 41.01 -16.96 10.93
N ALA B 301 42.17 -16.81 10.29
CA ALA B 301 42.20 -16.60 8.85
C ALA B 301 41.54 -17.75 8.12
N TYR B 302 41.80 -18.99 8.56
CA TYR B 302 41.18 -20.13 7.89
C TYR B 302 39.67 -20.18 8.14
N ILE B 303 39.24 -19.89 9.37
CA ILE B 303 37.81 -19.89 9.66
C ILE B 303 37.10 -18.85 8.81
N GLN B 304 37.68 -17.65 8.74
CA GLN B 304 37.14 -16.60 7.89
C GLN B 304 37.10 -17.03 6.43
N CYS B 305 38.17 -17.66 5.96
CA CYS B 305 38.21 -18.12 4.57
C CYS B 305 37.10 -19.12 4.30
N GLN B 306 36.87 -20.04 5.24
CA GLN B 306 35.79 -21.01 5.08
C GLN B 306 34.44 -20.30 5.01
N PHE B 307 34.19 -19.39 5.95
CA PHE B 307 32.88 -18.73 5.96
C PHE B 307 32.64 -17.93 4.69
N GLU B 308 33.67 -17.27 4.17
CA GLU B 308 33.54 -16.64 2.86
C GLU B 308 33.24 -17.69 1.80
N ASP B 309 33.91 -18.86 1.88
CA ASP B 309 33.71 -19.92 0.90
C ASP B 309 32.30 -20.50 0.94
N LEU B 310 31.57 -20.28 2.04
CA LEU B 310 30.17 -20.70 2.06
C LEU B 310 29.29 -19.89 1.13
N ASN B 311 29.80 -18.81 0.53
CA ASN B 311 28.99 -18.02 -0.39
C ASN B 311 28.59 -18.85 -1.60
N LYS B 312 27.32 -19.25 -1.66
CA LYS B 312 26.86 -19.96 -2.84
C LYS B 312 26.79 -19.05 -4.05
N ARG B 313 26.83 -17.73 -3.85
CA ARG B 313 26.83 -16.78 -4.94
C ARG B 313 27.83 -15.67 -4.60
N LYS B 314 28.57 -15.22 -5.62
CA LYS B 314 29.62 -14.23 -5.44
C LYS B 314 29.42 -12.96 -6.24
N ASP B 315 28.49 -12.94 -7.19
CA ASP B 315 28.32 -11.75 -8.02
C ASP B 315 27.73 -10.59 -7.24
N THR B 316 26.68 -10.86 -6.45
CA THR B 316 25.93 -9.79 -5.80
C THR B 316 26.30 -9.62 -4.33
N LYS B 317 26.18 -10.66 -3.53
CA LYS B 317 26.42 -10.52 -2.10
C LYS B 317 27.89 -10.27 -1.81
N GLU B 318 28.14 -9.27 -0.97
CA GLU B 318 29.47 -9.03 -0.42
C GLU B 318 29.39 -9.27 1.08
N ILE B 319 30.26 -10.14 1.59
CA ILE B 319 30.22 -10.53 3.00
C ILE B 319 31.23 -9.65 3.72
N TYR B 320 30.75 -8.53 4.24
CA TYR B 320 31.61 -7.59 4.98
C TYR B 320 31.91 -8.21 6.34
N THR B 321 32.87 -9.12 6.34
CA THR B 321 33.32 -9.80 7.54
C THR B 321 34.03 -8.85 8.49
N HIS B 322 34.14 -9.27 9.76
CA HIS B 322 34.72 -8.44 10.79
C HIS B 322 35.05 -9.31 11.98
N PHE B 323 35.70 -8.69 12.97
CA PHE B 323 36.03 -9.35 14.23
C PHE B 323 35.61 -8.44 15.38
N THR B 324 35.01 -9.03 16.40
CA THR B 324 34.61 -8.25 17.57
C THR B 324 34.38 -9.17 18.77
N THR B 327 35.34 -5.85 22.98
CA THR B 327 35.73 -4.47 23.23
C THR B 327 35.85 -3.64 21.95
N ASP B 328 35.55 -4.22 20.79
CA ASP B 328 35.74 -3.52 19.53
C ASP B 328 34.79 -2.31 19.45
N THR B 329 35.36 -1.11 19.57
CA THR B 329 34.59 0.12 19.58
C THR B 329 34.27 0.63 18.18
N LYS B 330 35.03 0.23 17.17
CA LYS B 330 34.82 0.66 15.80
C LYS B 330 33.85 -0.23 15.06
N ASN B 331 32.94 -0.88 15.78
CA ASN B 331 32.06 -1.87 15.17
C ASN B 331 30.88 -1.21 14.44
N VAL B 332 30.15 -0.35 15.15
CA VAL B 332 29.00 0.31 14.52
C VAL B 332 29.45 1.12 13.32
N GLN B 333 30.68 1.64 13.36
CA GLN B 333 31.24 2.32 12.19
C GLN B 333 31.40 1.36 11.03
N PHE B 334 31.81 0.11 11.32
CA PHE B 334 31.92 -0.87 10.25
C PHE B 334 30.56 -1.20 9.66
N VAL B 335 29.54 -1.34 10.52
CA VAL B 335 28.19 -1.58 10.01
C VAL B 335 27.75 -0.40 9.15
N PHE B 336 28.10 0.82 9.56
CA PHE B 336 27.73 2.00 8.79
C PHE B 336 28.41 2.01 7.43
N ASP B 337 29.70 1.67 7.38
CA ASP B 337 30.40 1.63 6.10
C ASP B 337 29.80 0.58 5.19
N ALA B 338 29.51 -0.61 5.72
CA ALA B 338 28.91 -1.64 4.90
C ALA B 338 27.54 -1.23 4.40
N VAL B 339 26.73 -0.60 5.25
CA VAL B 339 25.38 -0.21 4.85
C VAL B 339 25.43 0.91 3.83
N THR B 340 26.34 1.87 3.99
CA THR B 340 26.52 2.92 3.00
C THR B 340 26.93 2.34 1.66
N ASP B 341 27.85 1.37 1.67
CA ASP B 341 28.25 0.72 0.43
C ASP B 341 27.06 0.01 -0.22
N VAL B 342 26.24 -0.66 0.59
CA VAL B 342 25.09 -1.36 0.03
C VAL B 342 24.09 -0.37 -0.55
N ILE B 343 23.89 0.76 0.12
CA ILE B 343 22.97 1.77 -0.38
C ILE B 343 23.46 2.34 -1.70
N ILE B 344 24.77 2.62 -1.79
CA ILE B 344 25.32 3.10 -3.04
C ILE B 344 25.14 2.07 -4.14
N LYS B 345 25.35 0.79 -3.81
CA LYS B 345 25.16 -0.26 -4.81
C LYS B 345 23.71 -0.31 -5.29
N ASN B 346 22.76 -0.16 -4.36
CA ASN B 346 21.35 -0.18 -4.75
C ASN B 346 20.99 1.02 -5.61
N ASN B 347 21.50 2.20 -5.25
CA ASN B 347 21.24 3.39 -6.05
C ASN B 347 21.82 3.25 -7.45
N LEU B 348 23.02 2.68 -7.55
CA LEU B 348 23.58 2.41 -8.87
C LEU B 348 22.77 1.37 -9.62
N LYS B 349 22.19 0.41 -8.90
CA LYS B 349 21.43 -0.65 -9.55
C LYS B 349 20.15 -0.10 -10.18
N ASP B 350 19.38 0.68 -9.41
CA ASP B 350 18.15 1.20 -9.99
C ASP B 350 18.39 2.46 -10.83
N CYS B 351 19.59 3.01 -10.79
CA CYS B 351 19.98 4.07 -11.72
C CYS B 351 20.54 3.50 -13.02
N GLY B 352 20.64 2.18 -13.13
CA GLY B 352 21.05 1.53 -14.36
C GLY B 352 22.53 1.28 -14.48
N LEU B 353 23.37 1.94 -13.68
CA LEU B 353 24.81 1.77 -13.82
C LEU B 353 25.28 0.37 -13.45
N PHE B 354 24.44 -0.43 -12.81
CA PHE B 354 24.72 -1.85 -12.62
C PHE B 354 23.74 -2.71 -13.41
N ASP C 23 8.62 -47.40 25.22
CA ASP C 23 8.52 -48.78 25.67
C ASP C 23 7.25 -49.44 25.11
N GLN C 24 6.46 -50.05 25.99
CA GLN C 24 5.20 -50.63 25.56
C GLN C 24 4.27 -49.58 24.98
N LEU C 25 4.33 -48.35 25.50
CA LEU C 25 3.51 -47.27 24.97
C LEU C 25 3.83 -46.99 23.50
N ARG C 26 5.11 -47.04 23.15
CA ARG C 26 5.50 -46.87 21.74
C ARG C 26 4.83 -47.92 20.87
N GLN C 27 4.87 -49.18 21.31
CA GLN C 27 4.10 -50.22 20.63
C GLN C 27 2.61 -49.93 20.72
N GLU C 28 2.15 -49.48 21.89
CA GLU C 28 0.74 -49.12 22.05
C GLU C 28 0.37 -47.95 21.14
N ALA C 29 1.26 -46.96 21.04
CA ALA C 29 1.00 -45.82 20.15
C ALA C 29 0.92 -46.26 18.70
N GLU C 30 1.82 -47.15 18.28
CA GLU C 30 1.78 -47.65 16.91
C GLU C 30 0.50 -48.43 16.66
N GLN C 31 0.08 -49.25 17.64
CA GLN C 31 -1.17 -49.99 17.49
C GLN C 31 -2.37 -49.05 17.38
N LEU C 32 -2.39 -48.00 18.20
CA LEU C 32 -3.48 -47.04 18.11
C LEU C 32 -3.50 -46.33 16.78
N LYS C 33 -2.33 -45.95 16.27
CA LYS C 33 -2.26 -45.29 14.97
C LYS C 33 -2.74 -46.23 13.86
N ASN C 34 -2.35 -47.51 13.94
CA ASN C 34 -2.82 -48.48 12.96
C ASN C 34 -4.34 -48.64 13.04
N GLN C 35 -4.89 -48.66 14.25
CA GLN C 35 -6.34 -48.74 14.41
C GLN C 35 -7.01 -47.54 13.77
N ILE C 36 -6.47 -46.34 13.99
CA ILE C 36 -7.03 -45.14 13.40
C ILE C 36 -6.99 -45.23 11.88
N ARG C 37 -5.84 -45.65 11.33
CA ARG C 37 -5.70 -45.75 9.88
C ARG C 37 -6.69 -46.75 9.30
N ASP C 38 -6.85 -47.92 9.93
CA ASP C 38 -7.77 -48.92 9.44
C ASP C 38 -9.20 -48.41 9.49
N ALA C 39 -9.59 -47.78 10.61
CA ALA C 39 -10.93 -47.25 10.71
C ALA C 39 -11.19 -46.20 9.64
N ARG C 40 -10.21 -45.33 9.38
CA ARG C 40 -10.36 -44.33 8.33
C ARG C 40 -10.52 -44.99 6.97
N LYS C 41 -9.71 -46.01 6.69
CA LYS C 41 -9.81 -46.71 5.42
C LYS C 41 -11.16 -47.39 5.25
N ALA C 42 -11.78 -47.80 6.35
CA ALA C 42 -13.05 -48.52 6.26
C ALA C 42 -14.14 -47.67 5.64
N CYS C 43 -14.19 -46.39 6.00
CA CYS C 43 -15.33 -45.54 5.63
C CYS C 43 -15.29 -45.09 4.18
N ALA C 44 -14.20 -45.33 3.46
CA ALA C 44 -14.00 -44.73 2.13
C ALA C 44 -14.93 -45.40 1.13
N ASP C 45 -16.19 -44.99 1.16
CA ASP C 45 -17.17 -45.54 0.21
C ASP C 45 -16.81 -45.17 -1.22
N ALA C 46 -16.43 -43.92 -1.45
CA ALA C 46 -16.13 -43.44 -2.79
C ALA C 46 -15.38 -42.12 -2.70
N THR C 47 -14.70 -41.77 -3.78
CA THR C 47 -13.99 -40.51 -3.89
C THR C 47 -14.80 -39.51 -4.71
N LEU C 48 -14.43 -38.23 -4.59
CA LEU C 48 -15.18 -37.18 -5.27
C LEU C 48 -15.20 -37.34 -6.77
N SER C 49 -14.22 -38.03 -7.35
CA SER C 49 -14.18 -38.22 -8.80
C SER C 49 -15.46 -38.88 -9.29
N GLN C 50 -15.71 -40.12 -8.86
CA GLN C 50 -16.86 -40.86 -9.34
C GLN C 50 -18.17 -40.20 -8.92
N ILE C 51 -18.25 -39.73 -7.67
CA ILE C 51 -19.50 -39.19 -7.17
C ILE C 51 -19.86 -37.90 -7.90
N THR C 52 -18.88 -37.04 -8.14
CA THR C 52 -19.11 -35.73 -8.72
C THR C 52 -18.91 -35.69 -10.24
N ASN C 53 -18.64 -36.85 -10.86
CA ASN C 53 -18.57 -36.89 -12.32
C ASN C 53 -19.85 -36.38 -12.96
N ASN C 54 -20.99 -36.54 -12.28
CA ASN C 54 -22.26 -36.03 -12.79
C ASN C 54 -22.54 -34.64 -12.21
N ILE C 55 -21.58 -33.74 -12.39
CA ILE C 55 -21.70 -32.36 -11.92
C ILE C 55 -21.05 -31.45 -12.95
N ASP C 56 -21.74 -30.36 -13.30
CA ASP C 56 -21.24 -29.43 -14.30
C ASP C 56 -20.17 -28.52 -13.71
N PRO C 57 -19.03 -28.36 -14.37
CA PRO C 57 -18.02 -27.43 -13.86
C PRO C 57 -18.52 -25.99 -13.92
N VAL C 58 -17.98 -25.16 -13.05
CA VAL C 58 -18.40 -23.77 -12.97
C VAL C 58 -17.92 -23.01 -14.20
N ARG C 60 -15.96 -21.80 -16.34
CA ARG C 60 -14.68 -21.16 -16.09
C ARG C 60 -14.86 -19.69 -15.71
N ILE C 61 -15.11 -19.45 -14.41
CA ILE C 61 -15.31 -18.09 -13.95
C ILE C 61 -14.06 -17.27 -14.22
N GLN C 62 -14.25 -15.97 -14.41
CA GLN C 62 -13.14 -15.05 -14.60
C GLN C 62 -13.55 -13.71 -14.01
N MET C 63 -13.19 -13.48 -12.75
CA MET C 63 -13.45 -12.20 -12.11
C MET C 63 -12.54 -11.13 -12.72
N ARG C 64 -12.72 -9.90 -12.26
CA ARG C 64 -11.96 -8.79 -12.79
C ARG C 64 -11.87 -7.69 -11.74
N THR C 65 -10.84 -6.87 -11.87
CA THR C 65 -10.61 -5.80 -10.90
C THR C 65 -11.68 -4.74 -11.05
N ARG C 66 -12.56 -4.62 -10.05
CA ARG C 66 -13.53 -3.54 -10.02
C ARG C 66 -13.05 -2.36 -9.20
N ARG C 67 -12.16 -2.59 -8.25
CA ARG C 67 -11.54 -1.51 -7.49
C ARG C 67 -10.12 -1.92 -7.14
N THR C 68 -9.21 -0.95 -7.20
CA THR C 68 -7.86 -1.12 -6.66
C THR C 68 -7.76 -0.27 -5.41
N LEU C 69 -7.24 -0.87 -4.34
CA LEU C 69 -7.19 -0.23 -3.04
C LEU C 69 -5.73 0.05 -2.74
N ARG C 70 -5.25 1.19 -3.21
CA ARG C 70 -3.86 1.57 -3.06
C ARG C 70 -3.67 2.46 -1.84
N GLY C 71 -2.47 2.41 -1.28
CA GLY C 71 -2.18 3.18 -0.09
C GLY C 71 -1.25 2.43 0.85
N HIS C 72 -1.08 1.14 0.60
CA HIS C 72 -0.08 0.37 1.32
C HIS C 72 1.27 0.51 0.64
N LEU C 73 2.31 0.73 1.44
CA LEU C 73 3.65 0.99 0.93
C LEU C 73 4.58 -0.20 1.11
N ALA C 74 4.06 -1.35 1.56
CA ALA C 74 4.87 -2.52 1.77
C ALA C 74 4.03 -3.75 1.47
N LYS C 75 4.54 -4.91 1.85
CA LYS C 75 3.84 -6.16 1.59
C LYS C 75 2.53 -6.23 2.37
N ILE C 76 1.55 -6.88 1.78
CA ILE C 76 0.25 -7.12 2.41
C ILE C 76 0.17 -8.60 2.79
N TYR C 77 0.06 -8.89 4.08
CA TYR C 77 -0.19 -10.26 4.52
C TYR C 77 -1.64 -10.54 4.92
N ALA C 78 -2.36 -9.59 5.48
CA ALA C 78 -3.66 -9.95 6.04
C ALA C 78 -4.77 -9.08 5.44
N MET C 79 -5.92 -9.71 5.23
CA MET C 79 -7.16 -8.98 5.05
C MET C 79 -8.29 -9.78 5.67
N HIS C 80 -9.36 -9.07 6.01
CA HIS C 80 -10.59 -9.74 6.41
C HIS C 80 -11.77 -8.87 6.01
N TRP C 81 -12.84 -9.53 5.61
CA TRP C 81 -14.05 -8.86 5.14
C TRP C 81 -14.96 -8.58 6.33
N GLY C 82 -15.52 -7.39 6.35
CA GLY C 82 -16.51 -7.06 7.36
C GLY C 82 -17.78 -7.88 7.17
N THR C 83 -18.59 -7.91 8.22
CA THR C 83 -19.81 -8.70 8.16
C THR C 83 -20.83 -8.10 7.23
N ASP C 84 -20.86 -6.78 7.12
CA ASP C 84 -21.80 -6.11 6.22
C ASP C 84 -21.41 -6.22 4.76
N SER C 85 -20.34 -6.95 4.45
CA SER C 85 -19.83 -7.10 3.10
C SER C 85 -19.46 -5.76 2.48
N ARG C 86 -19.24 -4.74 3.32
CA ARG C 86 -18.99 -3.39 2.86
C ARG C 86 -17.58 -2.92 3.20
N LEU C 87 -17.18 -3.04 4.46
CA LEU C 87 -15.84 -2.67 4.88
C LEU C 87 -14.92 -3.86 4.81
N LEU C 88 -13.63 -3.59 4.68
CA LEU C 88 -12.61 -4.64 4.73
C LEU C 88 -11.37 -4.08 5.38
N VAL C 89 -10.68 -4.90 6.15
CA VAL C 89 -9.50 -4.49 6.88
C VAL C 89 -8.29 -5.19 6.28
N SER C 90 -7.20 -4.45 6.11
CA SER C 90 -5.97 -5.00 5.55
C SER C 90 -4.79 -4.65 6.44
N ALA C 91 -4.04 -5.66 6.84
CA ALA C 91 -2.83 -5.51 7.64
C ALA C 91 -1.62 -5.71 6.74
N SER C 92 -0.74 -4.71 6.71
CA SER C 92 0.43 -4.73 5.85
C SER C 92 1.68 -4.40 6.66
N GLN C 93 2.85 -4.72 6.10
CA GLN C 93 4.13 -4.44 6.77
C GLN C 93 4.41 -2.98 6.94
N ASP C 94 3.50 -2.13 6.49
CA ASP C 94 3.67 -0.71 6.67
C ASP C 94 3.26 -0.29 8.09
N GLY C 95 3.00 -1.27 8.95
CA GLY C 95 2.55 -0.97 10.29
C GLY C 95 1.21 -0.34 10.11
N LYS C 96 0.52 -0.71 9.02
CA LYS C 96 -0.75 -0.10 8.73
C LYS C 96 -1.85 -1.15 8.67
N LEU C 97 -2.95 -0.85 9.36
CA LEU C 97 -4.17 -1.64 9.34
C LEU C 97 -5.23 -0.71 8.79
N ILE C 98 -5.52 -0.83 7.49
CA ILE C 98 -6.44 0.09 6.83
C ILE C 98 -7.82 -0.53 6.79
N ILE C 99 -8.81 0.22 7.24
CA ILE C 99 -10.21 -0.14 7.09
C ILE C 99 -10.74 0.66 5.92
N TRP C 100 -11.08 -0.03 4.83
CA TRP C 100 -11.44 0.60 3.59
C TRP C 100 -12.95 0.74 3.49
N ASP C 101 -13.42 1.16 2.31
CA ASP C 101 -14.81 1.04 1.90
C ASP C 101 -14.79 0.39 0.53
N SER C 102 -15.33 -0.82 0.43
CA SER C 102 -15.18 -1.60 -0.79
C SER C 102 -15.78 -0.90 -2.00
N TYR C 103 -16.85 -0.12 -1.82
CA TYR C 103 -17.50 0.50 -2.96
C TYR C 103 -16.79 1.78 -3.39
N THR C 104 -16.74 2.77 -2.51
CA THR C 104 -16.24 4.08 -2.89
C THR C 104 -14.73 4.14 -2.90
N THR C 105 -14.05 3.15 -2.30
CA THR C 105 -12.60 3.03 -2.24
C THR C 105 -12.03 4.08 -1.30
N ASN C 106 -12.88 4.97 -0.78
CA ASN C 106 -12.41 5.95 0.18
C ASN C 106 -12.03 5.25 1.47
N LYS C 107 -10.79 5.45 1.91
CA LYS C 107 -10.33 4.80 3.12
C LYS C 107 -11.05 5.36 4.34
N VAL C 108 -11.48 4.48 5.22
CA VAL C 108 -12.28 4.85 6.38
C VAL C 108 -11.41 5.06 7.61
N HIS C 109 -10.50 4.12 7.88
CA HIS C 109 -9.61 4.24 9.03
C HIS C 109 -8.21 3.78 8.64
N ALA C 110 -7.21 4.33 9.32
CA ALA C 110 -5.82 3.93 9.12
C ALA C 110 -5.20 3.75 10.50
N ILE C 111 -5.23 2.53 11.01
CA ILE C 111 -4.74 2.22 12.35
C ILE C 111 -3.24 1.99 12.27
N PRO C 112 -2.43 2.77 12.98
CA PRO C 112 -0.99 2.53 13.01
C PRO C 112 -0.66 1.43 14.01
N LEU C 113 -0.26 0.27 13.50
CA LEU C 113 0.16 -0.82 14.37
C LEU C 113 1.47 -0.48 15.05
N ARG C 114 1.61 -0.90 16.30
CA ARG C 114 2.85 -0.69 17.04
C ARG C 114 3.88 -1.77 16.79
N SER C 115 3.55 -2.77 15.96
CA SER C 115 4.49 -3.80 15.56
C SER C 115 4.22 -4.11 14.10
N SER C 116 5.07 -3.57 13.22
CA SER C 116 4.83 -3.66 11.78
C SER C 116 4.93 -5.08 11.25
N TRP C 117 5.43 -6.03 12.02
CA TRP C 117 5.64 -7.39 11.55
C TRP C 117 4.35 -8.19 11.76
N VAL C 118 3.33 -7.78 11.04
CA VAL C 118 1.99 -8.35 11.17
C VAL C 118 1.85 -9.49 10.18
N MET C 119 1.22 -10.58 10.62
CA MET C 119 0.95 -11.71 9.76
C MET C 119 -0.53 -12.09 9.72
N THR C 120 -1.38 -11.41 10.48
CA THR C 120 -2.80 -11.74 10.46
C THR C 120 -3.62 -10.54 10.90
N CYS C 121 -4.90 -10.55 10.51
CA CYS C 121 -5.87 -9.56 10.94
C CYS C 121 -7.25 -10.18 10.81
N ALA C 122 -8.19 -9.64 11.59
CA ALA C 122 -9.55 -10.16 11.58
C ALA C 122 -10.52 -9.04 11.92
N TYR C 123 -11.69 -9.10 11.30
CA TYR C 123 -12.72 -8.08 11.45
C TYR C 123 -13.88 -8.71 12.21
N ALA C 124 -14.16 -8.18 13.40
CA ALA C 124 -15.13 -8.80 14.29
C ALA C 124 -16.52 -8.82 13.65
N PRO C 125 -17.34 -9.82 13.98
CA PRO C 125 -18.66 -9.91 13.34
C PRO C 125 -19.54 -8.70 13.59
N SER C 126 -19.40 -8.04 14.73
CA SER C 126 -20.21 -6.87 15.04
C SER C 126 -19.60 -5.58 14.53
N GLY C 127 -18.46 -5.65 13.84
CA GLY C 127 -17.81 -4.48 13.31
C GLY C 127 -17.22 -3.54 14.34
N ASN C 128 -17.46 -3.76 15.62
CA ASN C 128 -16.94 -2.84 16.63
C ASN C 128 -15.44 -2.98 16.78
N TYR C 129 -14.90 -4.19 16.61
CA TYR C 129 -13.50 -4.46 16.89
C TYR C 129 -12.83 -5.04 15.66
N VAL C 130 -11.50 -4.90 15.62
CA VAL C 130 -10.68 -5.46 14.55
C VAL C 130 -9.44 -6.08 15.18
N ALA C 131 -9.03 -7.24 14.67
CA ALA C 131 -7.91 -7.97 15.24
C ALA C 131 -6.66 -7.79 14.41
N CYS C 132 -5.51 -7.91 15.07
CA CYS C 132 -4.22 -7.86 14.40
C CYS C 132 -3.22 -8.67 15.22
N GLY C 133 -2.15 -9.08 14.57
CA GLY C 133 -1.11 -9.82 15.26
C GLY C 133 0.00 -10.27 14.34
N GLY C 134 1.13 -10.69 14.89
CA GLY C 134 2.25 -11.09 14.05
C GLY C 134 3.46 -11.53 14.84
N LEU C 135 4.65 -11.33 14.26
CA LEU C 135 5.88 -11.76 14.91
C LEU C 135 6.02 -11.33 16.36
N ASP C 136 5.34 -10.27 16.77
CA ASP C 136 5.37 -9.84 18.16
C ASP C 136 4.56 -10.77 19.06
N ASN C 137 3.84 -11.73 18.47
CA ASN C 137 2.95 -12.67 19.18
C ASN C 137 2.17 -11.99 20.30
N ILE C 138 1.58 -10.85 19.96
CA ILE C 138 0.59 -10.19 20.79
C ILE C 138 -0.64 -9.98 19.92
N CYS C 139 -1.77 -10.53 20.32
CA CYS C 139 -3.01 -10.32 19.57
C CYS C 139 -3.61 -8.99 20.00
N SER C 140 -3.53 -7.99 19.14
CA SER C 140 -4.04 -6.67 19.45
C SER C 140 -5.46 -6.55 18.94
N ILE C 141 -6.38 -6.27 19.86
CA ILE C 141 -7.80 -6.05 19.53
C ILE C 141 -8.04 -4.55 19.62
N TYR C 142 -8.33 -3.95 18.46
CA TYR C 142 -8.55 -2.52 18.30
C TYR C 142 -10.05 -2.23 18.29
N ASN C 143 -10.43 -1.11 18.90
CA ASN C 143 -11.82 -0.70 18.99
C ASN C 143 -12.11 0.36 17.94
N LEU C 144 -13.11 0.08 17.10
CA LEU C 144 -13.43 0.98 15.99
C LEU C 144 -14.48 2.03 16.38
N LYS C 145 -15.65 1.58 16.80
CA LYS C 145 -16.75 2.48 17.12
C LYS C 145 -16.57 2.99 18.55
N THR C 146 -16.13 4.24 18.69
CA THR C 146 -16.00 4.88 19.98
C THR C 146 -16.57 6.29 19.89
N ARG C 147 -16.79 6.91 21.06
CA ARG C 147 -17.25 8.28 21.09
C ARG C 147 -16.23 9.21 20.41
N GLU C 148 -14.96 9.07 20.77
CA GLU C 148 -13.91 9.82 20.09
C GLU C 148 -13.73 9.28 18.68
N GLY C 149 -13.30 10.16 17.78
CA GLY C 149 -13.20 9.78 16.38
C GLY C 149 -12.16 8.71 16.12
N ASN C 150 -11.05 8.74 16.84
CA ASN C 150 -9.94 7.87 16.53
C ASN C 150 -10.26 6.41 16.86
N VAL C 151 -9.43 5.53 16.32
CA VAL C 151 -9.51 4.09 16.57
C VAL C 151 -8.33 3.72 17.47
N ARG C 152 -8.62 3.15 18.62
CA ARG C 152 -7.60 2.83 19.61
C ARG C 152 -7.63 1.36 19.95
N VAL C 153 -6.51 0.88 20.52
CA VAL C 153 -6.36 -0.53 20.84
C VAL C 153 -7.12 -0.82 22.14
N SER C 154 -7.95 -1.86 22.11
CA SER C 154 -8.73 -2.23 23.28
C SER C 154 -7.97 -3.20 24.18
N ARG C 155 -7.47 -4.29 23.62
CA ARG C 155 -6.79 -5.30 24.43
C ARG C 155 -5.53 -5.80 23.74
N GLU C 156 -4.58 -6.27 24.55
CA GLU C 156 -3.35 -6.89 24.06
C GLU C 156 -3.25 -8.28 24.69
N LEU C 157 -3.63 -9.29 23.92
CA LEU C 157 -3.58 -10.67 24.38
C LEU C 157 -2.15 -11.18 24.25
N ALA C 158 -1.50 -11.42 25.38
CA ALA C 158 -0.11 -11.83 25.43
C ALA C 158 0.00 -13.20 26.10
N GLY C 159 1.22 -13.70 26.18
CA GLY C 159 1.45 -15.01 26.77
C GLY C 159 1.36 -16.11 25.74
N HIS C 160 2.12 -15.95 24.65
CA HIS C 160 2.04 -16.88 23.53
C HIS C 160 3.42 -16.94 22.90
N THR C 161 4.09 -18.09 23.04
CA THR C 161 5.53 -18.20 22.80
C THR C 161 5.86 -18.50 21.34
N GLY C 162 4.99 -18.15 20.40
CA GLY C 162 5.29 -18.35 19.01
C GLY C 162 5.06 -17.05 18.27
N TYR C 163 4.56 -17.13 17.05
CA TYR C 163 4.22 -15.96 16.26
C TYR C 163 2.81 -16.15 15.75
N LEU C 164 1.98 -15.11 15.87
CA LEU C 164 0.59 -15.25 15.49
C LEU C 164 0.46 -15.48 14.00
N SER C 165 -0.53 -16.28 13.62
CA SER C 165 -0.69 -16.67 12.23
C SER C 165 -2.12 -16.44 11.76
N CYS C 166 -3.08 -16.48 12.67
CA CYS C 166 -4.47 -16.22 12.30
C CYS C 166 -5.28 -15.95 13.56
N CYS C 167 -5.95 -14.81 13.60
CA CYS C 167 -6.95 -14.50 14.62
C CYS C 167 -8.33 -14.53 13.98
N ARG C 168 -9.32 -14.98 14.75
CA ARG C 168 -10.70 -15.00 14.28
C ARG C 168 -11.62 -14.80 15.48
N PHE C 169 -12.47 -13.79 15.39
CA PHE C 169 -13.41 -13.52 16.47
C PHE C 169 -14.51 -14.57 16.51
N LEU C 170 -14.89 -14.98 17.73
CA LEU C 170 -16.10 -15.76 17.91
C LEU C 170 -17.27 -14.82 18.19
N ASP C 171 -17.15 -14.03 19.26
CA ASP C 171 -18.07 -12.96 19.57
C ASP C 171 -17.26 -11.71 19.87
N ASP C 172 -17.90 -10.68 20.39
CA ASP C 172 -17.18 -9.45 20.72
C ASP C 172 -16.32 -9.61 21.97
N ASN C 173 -16.21 -10.82 22.51
CA ASN C 173 -15.47 -11.04 23.74
C ASN C 173 -14.61 -12.30 23.70
N GLN C 174 -14.67 -13.10 22.64
CA GLN C 174 -13.90 -14.32 22.52
C GLN C 174 -13.21 -14.36 21.18
N ILE C 175 -11.90 -14.61 21.19
CA ILE C 175 -11.12 -14.72 19.96
C ILE C 175 -10.13 -15.88 20.12
N VAL C 176 -9.87 -16.59 19.02
CA VAL C 176 -8.91 -17.69 18.99
C VAL C 176 -7.72 -17.26 18.18
N THR C 177 -6.53 -17.51 18.72
CA THR C 177 -5.26 -17.13 18.09
C THR C 177 -4.39 -18.36 17.96
N SER C 178 -3.83 -18.58 16.78
CA SER C 178 -2.92 -19.67 16.52
C SER C 178 -1.52 -19.12 16.30
N SER C 179 -0.52 -19.90 16.71
CA SER C 179 0.86 -19.44 16.65
C SER C 179 1.77 -20.59 16.27
N GLY C 180 3.03 -20.25 16.03
CA GLY C 180 4.01 -21.26 15.71
C GLY C 180 4.49 -21.73 17.05
N ASP C 181 3.63 -21.58 18.06
CA ASP C 181 3.97 -22.02 19.39
C ASP C 181 3.44 -23.41 19.58
N THR C 182 3.14 -24.11 18.47
CA THR C 182 2.62 -25.48 18.53
C THR C 182 1.27 -25.46 19.26
N THR C 183 0.73 -24.27 19.50
CA THR C 183 -0.48 -24.16 20.30
C THR C 183 -1.45 -23.20 19.64
N CYS C 184 -2.74 -23.43 19.90
CA CYS C 184 -3.78 -22.45 19.64
C CYS C 184 -4.37 -22.02 20.98
N ALA C 185 -5.18 -20.97 20.96
CA ALA C 185 -5.75 -20.50 22.22
C ALA C 185 -7.08 -19.83 21.97
N LEU C 186 -8.02 -20.06 22.89
CA LEU C 186 -9.25 -19.29 22.97
C LEU C 186 -9.15 -18.36 24.17
N TRP C 187 -9.37 -17.08 23.95
CA TRP C 187 -9.14 -16.06 24.96
C TRP C 187 -10.46 -15.54 25.49
N ASP C 188 -10.35 -14.53 26.35
CA ASP C 188 -11.50 -13.83 26.92
C ASP C 188 -11.09 -12.36 26.96
N ILE C 189 -11.46 -11.62 25.91
CA ILE C 189 -10.93 -10.28 25.70
C ILE C 189 -11.21 -9.39 26.90
N GLU C 190 -12.29 -9.65 27.63
CA GLU C 190 -12.57 -8.87 28.82
C GLU C 190 -11.47 -9.01 29.85
N THR C 191 -11.26 -10.22 30.36
CA THR C 191 -10.26 -10.43 31.41
C THR C 191 -8.84 -10.44 30.87
N GLY C 192 -8.64 -10.70 29.58
CA GLY C 192 -7.33 -10.67 28.99
C GLY C 192 -6.48 -11.90 29.20
N GLN C 193 -7.01 -12.94 29.83
CA GLN C 193 -6.25 -14.13 30.15
C GLN C 193 -6.75 -15.29 29.30
N GLN C 194 -5.82 -15.96 28.62
CA GLN C 194 -6.11 -17.17 27.87
C GLN C 194 -6.93 -18.14 28.71
N THR C 195 -8.13 -18.47 28.23
CA THR C 195 -9.02 -19.32 28.99
C THR C 195 -9.06 -20.75 28.46
N THR C 196 -8.51 -21.02 27.29
CA THR C 196 -8.36 -22.40 26.85
C THR C 196 -7.15 -22.51 25.93
N THR C 197 -6.32 -23.51 26.16
CA THR C 197 -5.14 -23.76 25.36
C THR C 197 -5.31 -25.06 24.58
N PHE C 198 -5.04 -25.00 23.29
CA PHE C 198 -5.26 -26.09 22.34
C PHE C 198 -3.90 -26.58 21.88
N THR C 199 -3.35 -27.55 22.60
CA THR C 199 -1.97 -27.99 22.41
C THR C 199 -1.93 -29.49 22.14
N GLY C 200 -2.04 -29.85 20.87
CA GLY C 200 -1.88 -31.23 20.45
C GLY C 200 -0.90 -31.38 19.31
N HIS C 201 -0.63 -30.30 18.61
CA HIS C 201 0.20 -30.36 17.41
C HIS C 201 1.64 -30.68 17.77
N THR C 202 2.48 -30.78 16.74
CA THR C 202 3.91 -30.97 16.93
C THR C 202 4.77 -30.04 16.08
N GLY C 203 4.19 -29.27 15.17
CA GLY C 203 4.94 -28.34 14.36
C GLY C 203 4.45 -26.94 14.65
N ASP C 204 4.41 -26.09 13.63
CA ASP C 204 3.89 -24.73 13.76
C ASP C 204 2.51 -24.56 13.14
N VAL C 205 1.56 -24.07 13.93
CA VAL C 205 0.20 -23.86 13.46
C VAL C 205 0.17 -22.58 12.63
N MET C 206 -0.10 -22.72 11.33
CA MET C 206 -0.01 -21.60 10.42
C MET C 206 -1.36 -21.01 10.03
N SER C 207 -2.44 -21.78 10.06
CA SER C 207 -3.73 -21.25 9.69
C SER C 207 -4.76 -21.54 10.77
N LEU C 208 -5.97 -21.01 10.57
CA LEU C 208 -7.04 -21.13 11.54
C LEU C 208 -8.33 -20.62 10.89
N SER C 209 -9.44 -21.26 11.23
CA SER C 209 -10.73 -20.82 10.71
C SER C 209 -11.83 -21.34 11.61
N LEU C 210 -12.90 -20.55 11.72
CA LEU C 210 -14.01 -20.84 12.62
C LEU C 210 -15.21 -21.39 11.87
N ALA C 211 -15.87 -22.36 12.49
CA ALA C 211 -17.12 -22.84 11.93
C ALA C 211 -18.20 -21.77 12.10
N PRO C 212 -19.21 -21.78 11.24
CA PRO C 212 -20.31 -20.83 11.43
C PRO C 212 -20.98 -20.94 12.78
N ASP C 213 -21.05 -22.14 13.35
CA ASP C 213 -21.64 -22.32 14.67
C ASP C 213 -20.81 -21.65 15.76
N THR C 214 -19.55 -21.32 15.47
CA THR C 214 -18.61 -20.79 16.46
C THR C 214 -18.45 -21.73 17.65
N ARG C 215 -18.66 -23.03 17.42
CA ARG C 215 -18.44 -24.05 18.43
C ARG C 215 -17.27 -24.96 18.11
N LEU C 216 -16.73 -24.90 16.90
CA LEU C 216 -15.58 -25.70 16.50
C LEU C 216 -14.70 -24.83 15.60
N PHE C 217 -13.44 -25.21 15.46
CA PHE C 217 -12.57 -24.50 14.54
C PHE C 217 -11.42 -25.41 14.11
N VAL C 218 -10.92 -25.15 12.90
CA VAL C 218 -9.84 -25.94 12.32
C VAL C 218 -8.56 -25.12 12.31
N SER C 219 -7.44 -25.83 12.45
CA SER C 219 -6.11 -25.22 12.43
C SER C 219 -5.18 -26.15 11.67
N GLY C 220 -4.59 -25.64 10.59
CA GLY C 220 -3.62 -26.39 9.82
C GLY C 220 -2.22 -25.93 10.15
N ALA C 221 -1.35 -26.89 10.42
CA ALA C 221 -0.04 -26.60 11.00
C ALA C 221 1.09 -27.03 10.08
N CYS C 222 2.31 -26.71 10.51
CA CYS C 222 3.50 -27.07 9.77
C CYS C 222 3.83 -28.55 9.87
N ASP C 223 3.14 -29.29 10.73
CA ASP C 223 3.30 -30.73 10.81
C ASP C 223 2.70 -31.46 9.62
N ALA C 224 2.14 -30.73 8.66
CA ALA C 224 1.50 -31.28 7.47
C ALA C 224 0.13 -31.80 7.88
N SER C 225 -0.24 -31.57 9.13
CA SER C 225 -1.49 -32.06 9.70
C SER C 225 -2.43 -30.90 9.96
N ALA C 226 -3.72 -31.19 9.82
CA ALA C 226 -4.77 -30.28 10.21
C ALA C 226 -5.49 -30.86 11.42
N LYS C 227 -6.12 -29.99 12.20
CA LYS C 227 -6.80 -30.45 13.40
C LYS C 227 -8.09 -29.67 13.60
N LEU C 228 -9.17 -30.40 13.84
CA LEU C 228 -10.43 -29.80 14.27
C LEU C 228 -10.51 -29.88 15.79
N TRP C 229 -10.76 -28.75 16.42
CA TRP C 229 -10.75 -28.63 17.87
C TRP C 229 -12.16 -28.40 18.39
N ASP C 230 -12.27 -28.25 19.71
CA ASP C 230 -13.56 -28.01 20.37
C ASP C 230 -13.37 -26.85 21.34
N VAL C 231 -13.96 -25.70 21.02
CA VAL C 231 -13.76 -24.51 21.83
C VAL C 231 -14.41 -24.66 23.21
N ARG C 232 -15.43 -25.49 23.35
CA ARG C 232 -16.13 -25.61 24.62
C ARG C 232 -15.41 -26.53 25.58
N GLU C 233 -15.24 -27.80 25.20
CA GLU C 233 -14.67 -28.78 26.12
C GLU C 233 -13.23 -28.44 26.48
N GLY C 234 -12.51 -27.80 25.57
CA GLY C 234 -11.12 -27.46 25.79
C GLY C 234 -10.13 -28.53 25.39
N MET C 235 -10.37 -29.24 24.29
CA MET C 235 -9.63 -30.44 23.98
C MET C 235 -9.73 -30.73 22.49
N CYS C 236 -8.62 -31.19 21.92
CA CYS C 236 -8.59 -31.53 20.51
C CYS C 236 -9.60 -32.62 20.21
N ARG C 237 -10.14 -32.60 19.00
CA ARG C 237 -11.13 -33.60 18.62
C ARG C 237 -10.66 -34.49 17.48
N GLN C 238 -10.16 -33.91 16.39
CA GLN C 238 -9.77 -34.74 15.25
C GLN C 238 -8.47 -34.24 14.65
N THR C 239 -7.64 -35.17 14.20
CA THR C 239 -6.40 -34.88 13.51
C THR C 239 -6.38 -35.57 12.16
N PHE C 240 -6.12 -34.80 11.11
CA PHE C 240 -6.03 -35.32 9.75
C PHE C 240 -4.61 -35.11 9.26
N THR C 241 -4.11 -36.10 8.51
CA THR C 241 -2.77 -36.05 7.92
C THR C 241 -2.89 -36.47 6.47
N GLY C 242 -2.78 -35.50 5.56
CA GLY C 242 -2.90 -35.78 4.14
C GLY C 242 -1.92 -35.03 3.27
N HIS C 243 -0.93 -34.39 3.90
CA HIS C 243 0.00 -33.55 3.17
C HIS C 243 1.43 -33.89 3.52
N GLU C 244 2.35 -33.44 2.66
CA GLU C 244 3.75 -33.81 2.75
C GLU C 244 4.63 -32.74 3.40
N SER C 245 4.11 -31.54 3.62
CA SER C 245 4.96 -30.47 4.15
C SER C 245 4.06 -29.45 4.83
N ASP C 246 4.63 -28.28 5.12
CA ASP C 246 3.93 -27.26 5.90
C ASP C 246 2.60 -26.87 5.28
N ILE C 247 1.59 -26.71 6.12
CA ILE C 247 0.29 -26.18 5.73
C ILE C 247 0.24 -24.69 6.04
N ASN C 248 -0.22 -23.89 5.08
CA ASN C 248 -0.30 -22.45 5.26
C ASN C 248 -1.71 -21.89 5.36
N ALA C 249 -2.69 -22.56 4.78
CA ALA C 249 -4.05 -22.03 4.77
C ALA C 249 -5.06 -23.12 5.11
N ILE C 250 -6.14 -22.73 5.78
CA ILE C 250 -7.27 -23.63 6.03
C ILE C 250 -8.50 -22.78 6.27
N CYS C 251 -9.62 -23.21 5.68
CA CYS C 251 -10.86 -22.43 5.77
C CYS C 251 -12.05 -23.35 5.71
N PHE C 252 -13.08 -23.01 6.46
CA PHE C 252 -14.27 -23.86 6.53
C PHE C 252 -15.21 -23.80 5.35
N PHE C 253 -15.76 -24.94 4.97
CA PHE C 253 -16.78 -24.99 3.93
C PHE C 253 -17.92 -24.39 4.70
N PRO C 254 -18.62 -23.44 4.09
CA PRO C 254 -19.67 -22.75 4.86
C PRO C 254 -20.78 -23.61 5.48
N ASN C 255 -20.82 -24.91 5.25
CA ASN C 255 -21.82 -25.72 5.94
C ASN C 255 -21.41 -26.08 7.35
N GLY C 256 -20.14 -25.89 7.72
CA GLY C 256 -19.68 -26.04 9.07
C GLY C 256 -18.96 -27.34 9.37
N ASN C 257 -19.15 -28.37 8.54
CA ASN C 257 -18.56 -29.68 8.81
C ASN C 257 -17.56 -30.21 7.79
N ALA C 258 -17.04 -29.29 6.98
CA ALA C 258 -15.96 -29.56 6.03
C ALA C 258 -15.00 -28.38 5.95
N PHE C 259 -13.77 -28.67 5.55
CA PHE C 259 -12.79 -27.59 5.40
C PHE C 259 -11.69 -28.00 4.46
N ALA C 260 -11.25 -27.05 3.63
CA ALA C 260 -10.16 -27.27 2.69
C ALA C 260 -8.92 -26.54 3.20
N THR C 261 -7.77 -26.96 2.69
CA THR C 261 -6.51 -26.43 3.17
C THR C 261 -5.48 -26.45 2.05
N GLY C 262 -4.46 -25.60 2.20
CA GLY C 262 -3.37 -25.55 1.23
C GLY C 262 -2.03 -25.64 1.92
N SER C 263 -1.06 -26.21 1.21
CA SER C 263 0.25 -26.46 1.78
C SER C 263 1.35 -25.88 0.90
N ASP C 264 2.54 -25.76 1.48
CA ASP C 264 3.71 -25.33 0.72
C ASP C 264 4.14 -26.36 -0.31
N ASP C 265 3.59 -27.56 -0.25
CA ASP C 265 3.80 -28.57 -1.27
C ASP C 265 2.91 -28.38 -2.50
N ALA C 266 2.37 -27.18 -2.69
CA ALA C 266 1.62 -26.79 -3.89
C ALA C 266 0.32 -27.56 -4.05
N THR C 267 -0.17 -28.19 -2.98
CA THR C 267 -1.40 -28.94 -3.04
C THR C 267 -2.42 -28.39 -2.05
N CYS C 268 -3.67 -28.35 -2.47
CA CYS C 268 -4.80 -28.16 -1.57
C CYS C 268 -5.53 -29.48 -1.40
N ARG C 269 -6.06 -29.71 -0.22
CA ARG C 269 -6.82 -30.91 0.06
C ARG C 269 -8.08 -30.55 0.81
N LEU C 270 -9.15 -31.30 0.55
CA LEU C 270 -10.42 -31.13 1.23
C LEU C 270 -10.57 -32.22 2.28
N PHE C 271 -11.10 -31.84 3.44
CA PHE C 271 -11.37 -32.78 4.51
C PHE C 271 -12.81 -32.61 4.96
N ASP C 272 -13.42 -33.71 5.38
CA ASP C 272 -14.73 -33.70 6.00
C ASP C 272 -14.57 -34.11 7.46
N LEU C 273 -15.03 -33.26 8.37
CA LEU C 273 -14.79 -33.50 9.79
C LEU C 273 -15.46 -34.78 10.25
N ARG C 274 -16.69 -35.04 9.80
CA ARG C 274 -17.37 -36.27 10.18
C ARG C 274 -16.77 -37.48 9.48
N ALA C 275 -16.46 -37.36 8.19
CA ALA C 275 -15.82 -38.45 7.46
C ALA C 275 -14.37 -38.65 7.89
N ASP C 276 -13.73 -37.61 8.43
CA ASP C 276 -12.40 -37.70 9.01
C ASP C 276 -11.32 -38.10 8.00
N GLN C 277 -11.70 -38.25 6.74
CA GLN C 277 -10.77 -38.63 5.69
C GLN C 277 -10.50 -37.46 4.76
N GLU C 278 -9.55 -37.64 3.86
CA GLU C 278 -9.34 -36.69 2.78
C GLU C 278 -10.31 -37.02 1.65
N LEU C 279 -10.83 -35.98 0.99
CA LEU C 279 -11.88 -36.16 0.01
C LEU C 279 -11.44 -35.82 -1.40
N MET C 280 -10.92 -34.62 -1.64
CA MET C 280 -10.51 -34.22 -2.97
C MET C 280 -9.17 -33.48 -2.90
N THR C 281 -8.45 -33.54 -4.00
CA THR C 281 -7.16 -32.87 -4.11
C THR C 281 -7.24 -31.81 -5.21
N TYR C 282 -6.49 -30.72 -5.01
CA TYR C 282 -6.46 -29.59 -5.93
C TYR C 282 -5.00 -29.24 -6.16
N SER C 283 -4.48 -29.66 -7.31
CA SER C 283 -3.11 -29.36 -7.69
C SER C 283 -2.98 -29.53 -9.20
N HIS C 284 -1.98 -28.87 -9.77
CA HIS C 284 -1.65 -29.03 -11.17
C HIS C 284 -0.15 -29.24 -11.28
N ASP C 285 0.27 -29.98 -12.30
CA ASP C 285 1.69 -30.30 -12.43
C ASP C 285 2.53 -29.05 -12.68
N ASN C 286 2.00 -28.12 -13.48
CA ASN C 286 2.80 -26.95 -13.86
C ASN C 286 3.15 -26.08 -12.66
N ILE C 287 2.20 -25.89 -11.74
CA ILE C 287 2.45 -25.07 -10.56
C ILE C 287 3.34 -25.83 -9.59
N ILE C 288 4.42 -25.19 -9.14
CA ILE C 288 5.34 -25.77 -8.17
C ILE C 288 5.57 -24.76 -7.05
N CYS C 289 4.72 -23.73 -7.01
CA CYS C 289 4.86 -22.65 -6.05
C CYS C 289 4.22 -23.06 -4.72
N GLY C 290 4.06 -22.10 -3.80
CA GLY C 290 3.42 -22.34 -2.54
C GLY C 290 2.02 -21.76 -2.46
N ILE C 291 1.41 -21.95 -1.30
CA ILE C 291 0.07 -21.44 -1.01
C ILE C 291 0.15 -20.60 0.25
N THR C 292 -0.68 -19.56 0.32
CA THR C 292 -0.68 -18.66 1.46
C THR C 292 -2.05 -18.36 2.03
N SER C 293 -3.13 -18.47 1.25
CA SER C 293 -4.47 -18.24 1.75
C SER C 293 -5.46 -19.07 0.96
N VAL C 294 -6.51 -19.54 1.64
CA VAL C 294 -7.58 -20.29 1.01
C VAL C 294 -8.91 -19.80 1.58
N SER C 295 -9.85 -19.46 0.71
CA SER C 295 -11.20 -19.10 1.13
C SER C 295 -12.20 -19.62 0.12
N PHE C 296 -13.42 -19.82 0.60
CA PHE C 296 -14.50 -20.38 -0.20
C PHE C 296 -15.43 -19.28 -0.68
N SER C 297 -16.32 -19.66 -1.59
CA SER C 297 -17.39 -18.77 -2.01
C SER C 297 -18.49 -18.76 -0.96
N LYS C 298 -19.53 -17.97 -1.21
CA LYS C 298 -20.67 -17.96 -0.30
C LYS C 298 -21.39 -19.30 -0.28
N SER C 299 -21.50 -19.94 -1.45
CA SER C 299 -22.21 -21.20 -1.58
C SER C 299 -21.32 -22.41 -1.37
N GLY C 300 -20.05 -22.21 -1.07
CA GLY C 300 -19.15 -23.34 -0.97
C GLY C 300 -19.02 -24.11 -2.27
N ARG C 301 -18.90 -23.40 -3.38
CA ARG C 301 -18.68 -24.03 -4.67
C ARG C 301 -17.37 -23.61 -5.31
N LEU C 302 -16.94 -22.37 -5.09
CA LEU C 302 -15.66 -21.89 -5.60
C LEU C 302 -14.63 -21.90 -4.47
N LEU C 303 -13.56 -22.66 -4.66
CA LEU C 303 -12.44 -22.70 -3.73
C LEU C 303 -11.36 -21.77 -4.24
N LEU C 304 -11.18 -20.63 -3.57
CA LEU C 304 -10.21 -19.63 -4.00
C LEU C 304 -8.98 -19.74 -3.13
N ALA C 305 -7.81 -19.80 -3.77
CA ALA C 305 -6.56 -20.05 -3.07
C ALA C 305 -5.49 -19.09 -3.56
N GLY C 306 -4.77 -18.47 -2.62
CA GLY C 306 -3.72 -17.53 -2.99
C GLY C 306 -2.35 -18.16 -3.10
N TYR C 307 -1.94 -18.50 -4.32
CA TYR C 307 -0.60 -19.01 -4.53
C TYR C 307 0.41 -17.87 -4.63
N ASP C 308 1.68 -18.24 -4.43
CA ASP C 308 2.76 -17.26 -4.37
C ASP C 308 3.59 -17.25 -5.64
N ASP C 309 2.99 -17.64 -6.77
CA ASP C 309 3.56 -17.43 -8.09
C ASP C 309 3.10 -16.13 -8.71
N PHE C 310 2.78 -15.14 -7.88
CA PHE C 310 2.34 -13.81 -8.27
C PHE C 310 0.92 -13.78 -8.86
N ASN C 311 0.10 -14.80 -8.58
CA ASN C 311 -1.31 -14.74 -8.95
C ASN C 311 -2.10 -15.71 -8.10
N CYS C 312 -3.40 -15.48 -8.05
CA CYS C 312 -4.33 -16.32 -7.28
C CYS C 312 -5.06 -17.29 -8.20
N ASN C 313 -5.61 -18.35 -7.60
CA ASN C 313 -6.29 -19.38 -8.36
C ASN C 313 -7.68 -19.62 -7.80
N VAL C 314 -8.54 -20.15 -8.66
CA VAL C 314 -9.96 -20.36 -8.35
C VAL C 314 -10.36 -21.73 -8.91
N TRP C 315 -10.82 -22.61 -8.04
CA TRP C 315 -11.21 -23.96 -8.39
C TRP C 315 -12.70 -24.19 -8.15
N ASP C 316 -13.20 -25.26 -8.73
CA ASP C 316 -14.50 -25.83 -8.36
C ASP C 316 -14.20 -26.97 -7.40
N ALA C 317 -14.35 -26.69 -6.10
CA ALA C 317 -13.92 -27.64 -5.08
C ALA C 317 -14.56 -29.00 -5.28
N LEU C 318 -15.86 -29.02 -5.60
CA LEU C 318 -16.55 -30.28 -5.79
C LEU C 318 -16.00 -31.06 -7.00
N LYS C 319 -15.74 -30.37 -8.11
CA LYS C 319 -15.30 -31.03 -9.32
C LYS C 319 -13.79 -31.13 -9.46
N ALA C 320 -13.04 -30.47 -8.58
CA ALA C 320 -11.58 -30.56 -8.57
C ALA C 320 -10.98 -30.21 -9.94
N ASP C 321 -11.49 -29.13 -10.53
CA ASP C 321 -11.04 -28.68 -11.83
C ASP C 321 -10.67 -27.20 -11.76
N ARG C 322 -9.54 -26.86 -12.36
CA ARG C 322 -9.12 -25.46 -12.45
C ARG C 322 -10.16 -24.67 -13.20
N ALA C 323 -10.55 -23.51 -12.65
CA ALA C 323 -11.67 -22.78 -13.22
C ALA C 323 -11.45 -21.28 -13.35
N GLY C 324 -10.42 -20.70 -12.74
CA GLY C 324 -10.20 -19.28 -12.90
C GLY C 324 -8.87 -18.87 -12.32
N VAL C 325 -8.38 -17.74 -12.80
CA VAL C 325 -7.11 -17.17 -12.35
C VAL C 325 -7.33 -15.70 -12.05
N LEU C 326 -6.87 -15.25 -10.89
CA LEU C 326 -6.85 -13.84 -10.56
C LEU C 326 -5.40 -13.40 -10.69
N ALA C 327 -5.00 -13.05 -11.91
CA ALA C 327 -3.65 -12.64 -12.23
C ALA C 327 -3.67 -11.13 -12.39
N GLY C 328 -3.53 -10.42 -11.29
CA GLY C 328 -3.52 -8.98 -11.31
C GLY C 328 -2.49 -8.37 -10.38
N HIS C 329 -1.44 -9.14 -10.08
CA HIS C 329 -0.44 -8.69 -9.13
C HIS C 329 0.95 -8.98 -9.68
N ASP C 330 1.92 -8.21 -9.18
CA ASP C 330 3.31 -8.38 -9.53
C ASP C 330 4.11 -9.01 -8.39
N ASN C 331 3.44 -9.71 -7.48
CA ASN C 331 4.11 -10.36 -6.37
C ASN C 331 3.15 -11.39 -5.76
N ARG C 332 3.63 -12.06 -4.72
CA ARG C 332 2.90 -13.20 -4.16
C ARG C 332 1.56 -12.77 -3.59
N VAL C 333 0.49 -13.42 -4.06
CA VAL C 333 -0.85 -13.15 -3.52
C VAL C 333 -0.93 -13.75 -2.12
N SER C 334 -0.87 -12.91 -1.10
CA SER C 334 -0.77 -13.41 0.26
C SER C 334 -2.14 -13.79 0.82
N CYS C 335 -3.04 -12.83 0.94
CA CYS C 335 -4.31 -13.03 1.61
C CYS C 335 -5.46 -12.86 0.63
N LEU C 336 -6.58 -13.50 0.94
CA LEU C 336 -7.78 -13.28 0.16
C LEU C 336 -8.99 -13.61 1.03
N GLY C 337 -10.12 -12.99 0.69
CA GLY C 337 -11.34 -13.19 1.45
C GLY C 337 -12.55 -12.96 0.57
N VAL C 338 -13.67 -13.51 1.02
CA VAL C 338 -14.93 -13.46 0.29
C VAL C 338 -15.99 -12.89 1.22
N THR C 339 -16.79 -11.96 0.71
CA THR C 339 -17.81 -11.31 1.52
C THR C 339 -18.87 -12.30 1.97
N ASP C 340 -19.51 -11.99 3.10
CA ASP C 340 -20.63 -12.81 3.55
C ASP C 340 -21.79 -12.71 2.57
N ASP C 341 -21.99 -11.54 1.96
CA ASP C 341 -22.94 -11.44 0.87
C ASP C 341 -22.51 -12.25 -0.35
N GLY C 342 -21.22 -12.57 -0.45
CA GLY C 342 -20.73 -13.40 -1.53
C GLY C 342 -20.53 -12.69 -2.84
N MET C 343 -20.69 -11.36 -2.89
CA MET C 343 -20.69 -10.62 -4.13
C MET C 343 -19.37 -9.92 -4.39
N ALA C 344 -18.26 -10.50 -3.95
CA ALA C 344 -16.93 -9.96 -4.21
C ALA C 344 -15.89 -10.98 -3.77
N VAL C 345 -14.63 -10.66 -4.02
CA VAL C 345 -13.50 -11.31 -3.40
C VAL C 345 -12.32 -10.34 -3.40
N ALA C 346 -11.69 -10.16 -2.25
CA ALA C 346 -10.61 -9.20 -2.13
C ALA C 346 -9.31 -9.94 -1.89
N THR C 347 -8.32 -9.67 -2.73
CA THR C 347 -7.00 -10.30 -2.66
C THR C 347 -5.95 -9.24 -2.39
N GLY C 348 -5.14 -9.48 -1.37
CA GLY C 348 -4.01 -8.62 -1.06
C GLY C 348 -2.70 -9.36 -1.23
N SER C 349 -1.86 -8.87 -2.12
CA SER C 349 -0.60 -9.50 -2.46
C SER C 349 0.56 -8.67 -1.91
N TRP C 350 1.77 -9.18 -2.13
CA TRP C 350 2.96 -8.45 -1.74
C TRP C 350 3.23 -7.26 -2.64
N ASP C 351 2.41 -7.04 -3.66
CA ASP C 351 2.54 -5.90 -4.54
C ASP C 351 2.03 -4.60 -3.92
N SER C 352 1.63 -4.64 -2.65
CA SER C 352 1.17 -3.50 -1.86
C SER C 352 -0.23 -3.03 -2.26
N PHE C 353 -0.91 -3.73 -3.15
CA PHE C 353 -2.22 -3.33 -3.63
C PHE C 353 -3.26 -4.39 -3.26
N LEU C 354 -4.34 -3.96 -2.62
CA LEU C 354 -5.53 -4.78 -2.54
C LEU C 354 -6.31 -4.69 -3.84
N LYS C 355 -7.03 -5.76 -4.15
CA LYS C 355 -7.83 -5.79 -5.38
C LYS C 355 -9.14 -6.48 -5.10
N ILE C 356 -10.23 -5.83 -5.47
CA ILE C 356 -11.57 -6.37 -5.29
C ILE C 356 -12.07 -6.87 -6.64
N TRP C 357 -12.57 -8.09 -6.66
CA TRP C 357 -12.94 -8.77 -7.89
C TRP C 357 -14.39 -9.19 -7.81
N ASN C 358 -15.10 -9.05 -8.92
CA ASN C 358 -16.50 -9.42 -8.98
C ASN C 358 -16.92 -9.72 -10.42
N ILE D 5 7.36 -42.23 28.73
CA ILE D 5 7.39 -41.16 29.71
C ILE D 5 6.03 -40.48 29.81
N ALA D 6 5.98 -39.36 30.51
CA ALA D 6 4.74 -38.62 30.65
C ALA D 6 4.23 -38.11 29.31
N GLN D 7 5.13 -37.62 28.47
CA GLN D 7 4.73 -37.16 27.14
C GLN D 7 4.17 -38.31 26.32
N ALA D 8 4.77 -39.50 26.44
CA ALA D 8 4.25 -40.68 25.76
C ALA D 8 2.84 -40.99 26.22
N ARG D 9 2.59 -40.91 27.53
CA ARG D 9 1.24 -41.18 28.05
C ARG D 9 0.25 -40.13 27.55
N LYS D 10 0.66 -38.86 27.51
CA LYS D 10 -0.22 -37.81 27.01
C LYS D 10 -0.56 -38.04 25.55
N LEU D 11 0.43 -38.40 24.73
CA LEU D 11 0.16 -38.70 23.33
C LEU D 11 -0.75 -39.92 23.20
N VAL D 12 -0.54 -40.92 24.05
CA VAL D 12 -1.38 -42.12 24.00
C VAL D 12 -2.84 -41.75 24.28
N GLU D 13 -3.06 -40.91 25.30
CA GLU D 13 -4.42 -40.46 25.60
C GLU D 13 -4.98 -39.62 24.45
N GLN D 14 -4.14 -38.79 23.84
CA GLN D 14 -4.61 -37.92 22.77
C GLN D 14 -5.07 -38.73 21.56
N LEU D 15 -4.35 -39.82 21.25
CA LEU D 15 -4.86 -40.73 20.22
C LEU D 15 -6.04 -41.55 20.70
N LYS D 16 -6.09 -41.92 21.99
CA LYS D 16 -7.17 -42.74 22.50
C LYS D 16 -8.50 -42.03 22.38
N MET D 17 -8.53 -40.74 22.72
CA MET D 17 -9.79 -39.99 22.66
C MET D 17 -10.33 -39.96 21.23
N GLU D 18 -9.44 -39.90 20.24
CA GLU D 18 -9.86 -39.85 18.84
C GLU D 18 -10.23 -41.23 18.30
N ALA D 19 -9.99 -42.30 19.05
CA ALA D 19 -10.23 -43.63 18.54
C ALA D 19 -11.73 -43.91 18.39
N ASN D 20 -12.51 -43.59 19.41
CA ASN D 20 -13.90 -44.00 19.49
C ASN D 20 -14.86 -43.05 18.78
N ILE D 21 -14.34 -42.03 18.10
CA ILE D 21 -15.20 -41.06 17.43
C ILE D 21 -16.04 -41.78 16.38
N ASP D 22 -17.29 -41.34 16.22
CA ASP D 22 -18.16 -41.89 15.19
C ASP D 22 -17.79 -41.30 13.83
N ARG D 23 -17.92 -42.12 12.79
CA ARG D 23 -17.69 -41.69 11.42
C ARG D 23 -18.81 -42.22 10.54
N ILE D 24 -18.96 -41.60 9.37
CA ILE D 24 -19.93 -42.01 8.38
C ILE D 24 -19.21 -42.22 7.06
N LYS D 25 -19.81 -43.06 6.21
CA LYS D 25 -19.20 -43.36 4.92
C LYS D 25 -19.11 -42.12 4.06
N VAL D 26 -17.99 -41.97 3.35
CA VAL D 26 -17.71 -40.75 2.61
C VAL D 26 -18.77 -40.45 1.56
N SER D 27 -19.55 -41.44 1.17
CA SER D 27 -20.66 -41.18 0.25
C SER D 27 -21.64 -40.19 0.86
N LYS D 28 -22.00 -40.41 2.12
CA LYS D 28 -22.95 -39.50 2.78
C LYS D 28 -22.37 -38.12 2.98
N ALA D 29 -21.10 -38.03 3.38
CA ALA D 29 -20.47 -36.73 3.59
C ALA D 29 -20.38 -35.95 2.27
N ALA D 30 -19.95 -36.62 1.20
CA ALA D 30 -19.90 -35.97 -0.11
C ALA D 30 -21.29 -35.58 -0.57
N ALA D 31 -22.29 -36.42 -0.27
CA ALA D 31 -23.67 -36.08 -0.60
C ALA D 31 -24.08 -34.79 0.08
N ASP D 32 -23.75 -34.65 1.36
CA ASP D 32 -24.04 -33.42 2.07
C ASP D 32 -23.31 -32.25 1.44
N LEU D 33 -22.06 -32.48 1.01
CA LEU D 33 -21.24 -31.40 0.47
C LEU D 33 -21.88 -30.85 -0.80
N MET D 34 -22.30 -31.74 -1.68
CA MET D 34 -22.89 -31.30 -2.93
C MET D 34 -24.34 -30.86 -2.75
N ALA D 35 -24.99 -31.30 -1.69
CA ALA D 35 -26.35 -30.83 -1.42
C ALA D 35 -26.24 -29.37 -1.01
N TYR D 36 -25.36 -29.10 -0.05
CA TYR D 36 -25.21 -27.71 0.40
C TYR D 36 -24.72 -26.81 -0.71
N CYS D 37 -24.03 -27.36 -1.70
CA CYS D 37 -23.64 -26.53 -2.84
C CYS D 37 -24.81 -26.27 -3.79
N GLU D 38 -25.44 -27.34 -4.28
CA GLU D 38 -26.48 -27.19 -5.29
C GLU D 38 -27.70 -26.47 -4.75
N ALA D 39 -28.14 -26.79 -3.54
CA ALA D 39 -29.36 -26.21 -3.01
C ALA D 39 -29.14 -24.84 -2.38
N HIS D 40 -27.94 -24.28 -2.49
CA HIS D 40 -27.65 -22.99 -1.90
C HIS D 40 -26.81 -22.10 -2.81
N ALA D 41 -26.48 -22.55 -4.01
CA ALA D 41 -25.70 -21.74 -4.95
C ALA D 41 -26.55 -20.93 -5.92
N LYS D 42 -27.88 -21.00 -5.82
CA LYS D 42 -28.72 -20.13 -6.64
C LYS D 42 -28.54 -18.66 -6.28
N GLU D 43 -27.96 -18.38 -5.10
CA GLU D 43 -27.76 -17.01 -4.65
C GLU D 43 -26.30 -16.58 -4.71
N ASP D 44 -25.38 -17.50 -4.95
CA ASP D 44 -23.95 -17.15 -4.93
C ASP D 44 -23.61 -16.23 -6.09
N PRO D 45 -23.16 -14.99 -5.83
CA PRO D 45 -22.87 -14.08 -6.94
C PRO D 45 -21.62 -14.47 -7.73
N LEU D 46 -20.54 -14.84 -7.03
CA LEU D 46 -19.29 -15.15 -7.73
C LEU D 46 -19.45 -16.29 -8.71
N LEU D 47 -20.46 -17.13 -8.54
CA LEU D 47 -20.76 -18.14 -9.55
C LEU D 47 -21.50 -17.52 -10.72
N THR D 48 -22.69 -16.97 -10.47
CA THR D 48 -23.57 -16.43 -11.50
C THR D 48 -23.93 -15.00 -11.13
N PRO D 49 -23.12 -14.02 -11.57
CA PRO D 49 -23.42 -12.61 -11.32
C PRO D 49 -24.66 -12.14 -12.06
N ALA D 52 -25.59 -10.65 -9.52
CA ALA D 52 -24.94 -9.34 -9.67
C ALA D 52 -25.13 -8.79 -11.07
N SER D 53 -26.39 -8.75 -11.52
CA SER D 53 -26.68 -8.10 -12.81
C SER D 53 -26.33 -6.62 -12.76
N GLU D 54 -26.63 -5.96 -11.66
CA GLU D 54 -26.19 -4.59 -11.38
C GLU D 54 -25.47 -4.64 -10.02
N ASN D 55 -24.18 -4.98 -10.08
CA ASN D 55 -23.40 -5.17 -8.86
C ASN D 55 -23.08 -3.83 -8.21
N PRO D 56 -22.89 -3.82 -6.88
CA PRO D 56 -22.49 -2.59 -6.20
C PRO D 56 -21.03 -2.19 -6.41
N PHE D 57 -20.31 -2.91 -7.27
CA PHE D 57 -18.94 -2.57 -7.62
C PHE D 57 -18.84 -2.07 -9.05
N ARG D 58 -19.92 -1.48 -9.56
CA ARG D 58 -19.96 -0.99 -10.93
C ARG D 58 -18.97 0.15 -11.14
N VAL E 39 -16.87 15.25 22.82
CA VAL E 39 -17.93 14.92 23.76
C VAL E 39 -18.07 16.00 24.81
N GLN E 40 -17.40 17.12 24.60
CA GLN E 40 -17.53 18.28 25.49
C GLN E 40 -17.21 19.52 24.68
N LEU E 41 -18.25 20.25 24.28
CA LEU E 41 -18.12 21.47 23.50
C LEU E 41 -18.70 22.63 24.29
N VAL E 42 -17.85 23.54 24.73
CA VAL E 42 -18.25 24.77 25.39
C VAL E 42 -17.58 25.93 24.66
N GLU E 43 -18.35 26.98 24.39
CA GLU E 43 -17.83 28.13 23.67
C GLU E 43 -18.39 29.42 24.27
N SER E 44 -17.81 30.54 23.87
CA SER E 44 -18.10 31.83 24.47
C SER E 44 -18.28 32.88 23.39
N GLY E 45 -18.94 33.97 23.77
CA GLY E 45 -19.18 35.05 22.85
C GLY E 45 -20.15 36.06 23.45
N GLY E 46 -20.75 36.86 22.60
CA GLY E 46 -21.71 37.85 23.04
C GLY E 46 -22.94 37.24 23.66
N PRO E 51 -23.63 46.78 19.29
CA PRO E 51 -24.39 46.53 18.06
C PRO E 51 -23.70 47.13 16.84
N GLY E 52 -24.34 47.04 15.68
CA GLY E 52 -23.79 47.61 14.46
C GLY E 52 -22.68 46.79 13.83
N GLY E 53 -21.55 46.69 14.52
CA GLY E 53 -20.42 45.93 14.00
C GLY E 53 -20.46 44.46 14.35
N SER E 54 -19.41 43.98 15.02
CA SER E 54 -19.34 42.57 15.34
C SER E 54 -18.67 42.21 16.64
N CYS E 59 -15.47 27.28 19.83
CA CYS E 59 -15.73 25.98 20.44
C CYS E 59 -14.46 25.40 21.05
N SER E 60 -14.27 25.56 22.36
CA SER E 60 -13.12 24.96 23.01
C SER E 60 -13.34 23.46 23.13
N ALA E 61 -13.23 22.75 22.02
CA ALA E 61 -13.54 21.33 21.99
C ALA E 61 -12.56 20.55 22.84
N SER E 62 -13.08 19.52 23.51
CA SER E 62 -12.26 18.66 24.36
C SER E 62 -12.89 17.28 24.43
N GLY E 63 -12.06 16.29 24.76
CA GLY E 63 -12.54 14.94 24.98
C GLY E 63 -12.68 14.09 23.73
N PHE E 64 -12.17 14.53 22.60
CA PHE E 64 -12.30 13.75 21.37
C PHE E 64 -11.26 14.23 20.37
N ALA E 65 -11.05 13.42 19.34
CA ALA E 65 -10.09 13.74 18.28
C ALA E 65 -10.70 14.80 17.38
N PHE E 66 -10.45 16.07 17.74
CA PHE E 66 -10.97 17.17 16.94
C PHE E 66 -10.41 17.15 15.53
N SER E 67 -9.11 16.89 15.40
CA SER E 67 -8.41 17.04 14.13
C SER E 67 -8.99 16.17 13.02
N SER E 68 -9.89 15.24 13.33
CA SER E 68 -10.50 14.38 12.33
C SER E 68 -12.02 14.53 12.29
N PHE E 69 -12.55 15.65 12.76
CA PHE E 69 -13.99 15.87 12.82
C PHE E 69 -14.36 17.12 12.02
N GLY E 70 -15.49 17.04 11.32
CA GLY E 70 -16.07 18.24 10.76
C GLY E 70 -16.72 19.10 11.84
N MET E 71 -16.94 20.37 11.50
CA MET E 71 -17.54 21.29 12.44
C MET E 71 -18.53 22.20 11.72
N HIS E 72 -19.65 22.48 12.37
CA HIS E 72 -20.64 23.42 11.87
C HIS E 72 -20.87 24.52 12.89
N TRP E 73 -21.79 25.41 12.55
CA TRP E 73 -22.51 26.22 13.52
C TRP E 73 -23.97 26.28 13.10
N VAL E 74 -24.84 26.43 14.08
CA VAL E 74 -26.29 26.45 13.84
C VAL E 74 -26.91 27.56 14.68
N ARG E 75 -27.80 28.35 14.07
CA ARG E 75 -28.45 29.44 14.76
C ARG E 75 -29.63 28.93 15.57
N PRO E 78 -33.38 32.91 19.46
CA PRO E 78 -34.49 33.84 19.24
C PRO E 78 -35.81 33.29 19.73
N GLU E 79 -35.77 32.12 20.36
CA GLU E 79 -36.94 31.43 20.87
C GLU E 79 -37.98 31.16 19.79
N LYS E 80 -37.55 31.12 18.52
CA LYS E 80 -38.44 30.80 17.41
C LYS E 80 -38.04 29.50 16.73
N GLY E 81 -36.80 29.39 16.27
CA GLY E 81 -36.37 28.21 15.57
C GLY E 81 -34.89 28.23 15.35
N LEU E 82 -34.40 27.24 14.61
CA LEU E 82 -32.98 27.09 14.35
C LEU E 82 -32.71 27.00 12.86
N GLU E 83 -31.56 27.51 12.44
CA GLU E 83 -31.16 27.49 11.03
C GLU E 83 -29.64 27.46 10.95
N TRP E 84 -29.14 27.05 9.79
CA TRP E 84 -27.72 26.76 9.60
C TRP E 84 -26.91 28.04 9.51
N VAL E 85 -25.64 27.96 9.91
CA VAL E 85 -24.76 29.13 10.00
C VAL E 85 -23.55 29.00 9.08
N ALA E 86 -22.80 27.91 9.22
CA ALA E 86 -21.56 27.75 8.47
C ALA E 86 -21.19 26.27 8.44
N TYR E 87 -20.00 25.98 7.94
CA TYR E 87 -19.56 24.60 7.80
C TYR E 87 -18.05 24.58 7.62
N ILE E 88 -17.44 23.44 7.97
CA ILE E 88 -16.04 23.20 7.68
C ILE E 88 -15.82 21.70 7.82
N SER E 89 -14.81 21.16 7.15
CA SER E 89 -14.52 19.74 7.21
C SER E 89 -13.11 19.52 7.77
N SER E 90 -12.74 18.25 7.90
CA SER E 90 -11.41 17.92 8.37
C SER E 90 -10.36 18.42 7.38
N GLY E 91 -9.33 19.09 7.91
CA GLY E 91 -8.30 19.66 7.08
C GLY E 91 -8.62 21.00 6.46
N SER E 92 -9.78 21.57 6.77
CA SER E 92 -10.16 22.90 6.28
C SER E 92 -10.18 22.94 4.75
N GLY E 93 -10.65 21.85 4.14
CA GLY E 93 -10.74 21.80 2.70
C GLY E 93 -11.95 22.49 2.12
N THR E 94 -13.14 22.00 2.47
CA THR E 94 -14.39 22.53 1.96
C THR E 94 -15.10 23.32 3.05
N ILE E 95 -15.45 24.56 2.73
CA ILE E 95 -16.17 25.44 3.65
C ILE E 95 -17.39 25.99 2.93
N TYR E 96 -18.57 25.71 3.46
CA TYR E 96 -19.81 26.30 3.00
C TYR E 96 -20.33 27.26 4.07
N TYR E 97 -20.68 28.47 3.66
CA TYR E 97 -21.37 29.40 4.56
C TYR E 97 -22.85 29.41 4.23
N ALA E 98 -23.63 29.99 5.15
CA ALA E 98 -25.07 30.01 4.98
C ALA E 98 -25.46 31.04 3.93
N ASP E 99 -26.42 30.67 3.07
CA ASP E 99 -26.84 31.57 2.00
C ASP E 99 -27.31 32.90 2.55
N THR E 100 -28.01 32.89 3.69
CA THR E 100 -28.50 34.13 4.28
C THR E 100 -27.39 35.02 4.77
N VAL E 101 -26.21 34.46 5.09
CA VAL E 101 -25.12 35.26 5.63
C VAL E 101 -23.83 34.97 4.88
N LYS E 102 -23.95 34.53 3.62
CA LYS E 102 -22.78 34.23 2.79
C LYS E 102 -21.77 35.37 2.84
N GLY E 103 -20.51 35.01 3.00
CA GLY E 103 -19.43 35.97 2.91
C GLY E 103 -19.47 37.09 3.93
N ARG E 104 -19.72 36.75 5.19
CA ARG E 104 -19.70 37.78 6.23
C ARG E 104 -19.16 37.21 7.53
N THR E 106 -16.50 34.87 10.15
CA THR E 106 -16.07 33.82 9.22
C THR E 106 -15.63 32.58 9.98
N ILE E 107 -15.92 31.40 9.43
CA ILE E 107 -15.59 30.16 10.09
C ILE E 107 -14.11 29.85 9.87
N SER E 108 -13.45 29.33 10.92
CA SER E 108 -12.03 29.03 10.87
C SER E 108 -11.68 28.20 12.09
N ARG E 109 -10.84 27.19 11.88
CA ARG E 109 -10.52 26.22 12.91
C ARG E 109 -9.01 26.07 13.05
N ASP E 110 -8.59 25.62 14.23
CA ASP E 110 -7.20 25.26 14.49
C ASP E 110 -7.20 23.92 15.20
N ASP E 111 -6.52 22.93 14.61
CA ASP E 111 -6.48 21.58 15.15
C ASP E 111 -5.51 21.46 16.33
N PRO E 112 -4.28 21.96 16.23
CA PRO E 112 -3.40 21.92 17.42
C PRO E 112 -4.01 22.62 18.62
N LYS E 113 -4.70 23.73 18.40
CA LYS E 113 -5.42 24.37 19.49
C LYS E 113 -6.74 23.67 19.80
N ASN E 114 -7.21 22.82 18.89
CA ASN E 114 -8.48 22.11 19.03
C ASN E 114 -9.62 23.09 19.31
N THR E 115 -9.84 23.99 18.37
CA THR E 115 -10.93 24.96 18.47
C THR E 115 -11.43 25.41 17.11
N PHE E 117 -12.86 28.75 15.42
CA PHE E 117 -13.09 30.12 15.87
C PHE E 117 -14.15 30.81 15.04
N LEU E 118 -15.01 31.57 15.70
CA LEU E 118 -16.06 32.35 15.05
C LEU E 118 -16.69 33.34 16.02
N MET E 120 -18.25 36.46 12.05
CA MET E 120 -19.27 37.30 11.42
C MET E 120 -18.88 38.77 11.54
N THR E 121 -19.45 39.62 10.69
CA THR E 121 -18.98 40.99 10.55
C THR E 121 -20.04 42.06 10.80
N SER E 122 -21.29 41.84 10.38
CA SER E 122 -22.33 42.85 10.50
C SER E 122 -23.44 42.32 11.39
N LEU E 123 -23.94 43.17 12.29
CA LEU E 123 -24.98 42.79 13.24
C LEU E 123 -26.35 42.93 12.58
N ARG E 124 -26.59 42.06 11.61
CA ARG E 124 -27.88 42.04 10.93
C ARG E 124 -28.99 41.69 11.90
N SER E 125 -30.22 42.12 11.55
CA SER E 125 -31.36 41.90 12.45
C SER E 125 -31.61 40.42 12.66
N GLU E 126 -31.55 39.63 11.59
CA GLU E 126 -31.75 38.19 11.72
C GLU E 126 -30.61 37.50 12.46
N ASP E 127 -29.50 38.19 12.69
CA ASP E 127 -28.37 37.57 13.38
C ASP E 127 -28.55 37.52 14.89
N THR E 128 -29.60 38.12 15.43
CA THR E 128 -29.87 38.05 16.87
C THR E 128 -30.53 36.72 17.17
N ALA E 129 -29.74 35.77 17.66
CA ALA E 129 -30.22 34.41 17.91
C ALA E 129 -29.20 33.69 18.79
N MET E 130 -29.47 32.42 19.05
CA MET E 130 -28.62 31.57 19.87
C MET E 130 -27.88 30.60 18.95
N TYR E 131 -26.56 30.74 18.87
CA TYR E 131 -25.76 29.95 17.96
C TYR E 131 -25.26 28.69 18.64
N TYR E 132 -25.21 27.59 17.88
CA TYR E 132 -24.94 26.26 18.42
C TYR E 132 -23.74 25.65 17.73
N CYS E 133 -23.02 24.80 18.46
CA CYS E 133 -21.76 24.21 18.03
C CYS E 133 -21.92 22.71 17.91
N VAL E 134 -21.62 22.14 16.74
CA VAL E 134 -21.79 20.71 16.51
C VAL E 134 -20.57 20.15 15.80
N ARG E 135 -20.40 18.84 15.95
CA ARG E 135 -19.35 18.09 15.28
C ARG E 135 -20.00 17.05 14.38
N SER E 136 -19.31 16.69 13.30
CA SER E 136 -19.84 15.71 12.38
C SER E 136 -18.69 15.10 11.60
N ILE E 137 -18.36 13.84 11.88
CA ILE E 137 -17.37 13.11 11.11
C ILE E 137 -18.09 12.36 9.99
N TYR E 138 -17.58 12.51 8.77
CA TYR E 138 -18.25 11.98 7.58
C TYR E 138 -17.41 10.82 7.03
N TYR E 139 -17.76 9.60 7.44
CA TYR E 139 -17.25 8.40 6.81
C TYR E 139 -18.40 7.41 6.74
N TYR E 140 -18.15 6.25 6.12
CA TYR E 140 -19.23 5.30 5.95
C TYR E 140 -19.74 4.80 7.31
N GLY E 141 -21.05 4.78 7.47
CA GLY E 141 -21.64 4.27 8.68
C GLY E 141 -21.51 5.16 9.88
N SER E 142 -21.03 6.38 9.70
CA SER E 142 -20.87 7.30 10.82
C SER E 142 -22.21 7.92 11.18
N SER E 143 -22.20 8.75 12.21
CA SER E 143 -23.39 9.43 12.71
C SER E 143 -23.10 10.92 12.72
N PRO E 144 -23.16 11.58 11.57
CA PRO E 144 -22.89 13.02 11.53
C PRO E 144 -23.89 13.79 12.38
N PHE E 145 -23.42 14.94 12.89
CA PHE E 145 -24.18 15.77 13.83
C PHE E 145 -24.44 15.02 15.13
N ASP E 146 -23.54 14.10 15.49
CA ASP E 146 -23.76 13.24 16.65
C ASP E 146 -23.86 14.05 17.93
N PHE E 147 -22.96 15.01 18.09
CA PHE E 147 -22.86 15.76 19.34
C PHE E 147 -23.23 17.21 19.07
N TRP E 148 -24.18 17.72 19.84
CA TRP E 148 -24.60 19.11 19.78
C TRP E 148 -24.12 19.80 21.05
N GLY E 149 -23.35 20.86 20.89
CA GLY E 149 -22.90 21.61 22.04
C GLY E 149 -24.02 22.39 22.69
N GLN E 150 -23.69 22.98 23.85
CA GLN E 150 -24.67 23.79 24.56
C GLN E 150 -25.08 25.02 23.76
N GLY E 151 -24.12 25.66 23.11
CA GLY E 151 -24.39 26.86 22.34
C GLY E 151 -24.37 28.12 23.19
N THR E 152 -24.40 29.26 22.49
CA THR E 152 -24.34 30.56 23.15
C THR E 152 -25.50 31.44 22.70
N THR E 153 -25.45 32.71 23.09
CA THR E 153 -26.48 33.69 22.76
C THR E 153 -25.88 34.86 21.99
N LEU E 154 -26.71 35.51 21.19
CA LEU E 154 -26.27 36.68 20.42
C LEU E 154 -27.45 37.58 20.09
N ALA E 174 -35.38 28.24 -4.44
CA ALA E 174 -33.97 28.35 -4.10
C ALA E 174 -33.43 27.01 -3.65
N ASP E 175 -33.60 26.71 -2.37
CA ASP E 175 -33.07 25.50 -1.76
C ASP E 175 -34.19 24.73 -1.06
N ILE E 176 -33.89 23.49 -0.69
CA ILE E 176 -34.88 22.62 -0.07
C ILE E 176 -35.22 23.16 1.31
N VAL E 177 -36.51 23.26 1.60
CA VAL E 177 -37.01 23.68 2.91
C VAL E 177 -37.98 22.63 3.41
N MET E 178 -38.04 22.47 4.72
CA MET E 178 -38.92 21.48 5.35
C MET E 178 -40.07 22.20 6.04
N THR E 179 -41.29 21.71 5.81
CA THR E 179 -42.48 22.23 6.47
C THR E 179 -43.06 21.15 7.36
N GLN E 180 -43.41 21.53 8.59
CA GLN E 180 -44.02 20.62 9.54
C GLN E 180 -45.45 20.97 9.86
N ALA E 181 -45.71 22.20 10.32
CA ALA E 181 -47.05 22.71 10.58
C ALA E 181 -47.82 21.81 11.53
N THR E 182 -47.11 20.92 12.23
CA THR E 182 -47.71 19.97 13.14
C THR E 182 -47.37 20.30 14.59
N SER E 183 -46.87 21.50 14.84
CA SER E 183 -46.47 21.90 16.18
C SER E 183 -47.65 21.85 17.14
N SER E 184 -47.34 21.83 18.44
CA SER E 184 -48.32 21.83 19.52
C SER E 184 -49.23 20.60 19.44
N VAL E 185 -48.62 19.43 19.56
CA VAL E 185 -49.34 18.17 19.67
C VAL E 185 -49.29 17.74 21.15
N PRO E 186 -50.41 17.71 21.86
CA PRO E 186 -50.38 17.31 23.27
C PRO E 186 -50.28 15.80 23.41
N VAL E 187 -49.36 15.36 24.26
CA VAL E 187 -49.08 13.93 24.42
C VAL E 187 -48.97 13.62 25.91
N THR E 188 -49.49 12.45 26.29
CA THR E 188 -49.51 11.92 27.64
C THR E 188 -48.48 10.80 27.79
N PRO E 189 -47.95 10.58 28.99
CA PRO E 189 -46.98 9.50 29.18
C PRO E 189 -47.61 8.14 28.88
N GLY E 190 -46.76 7.19 28.53
CA GLY E 190 -47.20 5.84 28.27
C GLY E 190 -47.87 5.62 26.93
N GLU E 191 -48.30 6.71 26.29
CA GLU E 191 -48.93 6.60 24.99
C GLU E 191 -47.81 6.70 23.97
N SER E 192 -48.13 6.35 22.73
CA SER E 192 -47.21 6.45 21.61
C SER E 192 -47.44 7.76 20.89
N VAL E 193 -46.36 8.34 20.35
CA VAL E 193 -46.45 9.62 19.68
C VAL E 193 -45.69 9.55 18.36
N SER E 194 -46.12 10.36 17.40
CA SER E 194 -45.47 10.45 16.10
C SER E 194 -45.39 11.90 15.68
N ILE E 195 -44.30 12.25 15.00
CA ILE E 195 -44.06 13.61 14.53
C ILE E 195 -43.79 13.55 13.03
N SER E 196 -44.51 14.37 12.27
CA SER E 196 -44.38 14.38 10.83
C SER E 196 -43.34 15.40 10.39
N CYS E 197 -42.94 15.30 9.13
CA CYS E 197 -41.96 16.21 8.55
C CYS E 197 -42.08 16.14 7.04
N ARG E 198 -42.46 17.24 6.41
CA ARG E 198 -42.61 17.32 4.96
C ARG E 198 -41.50 18.18 4.40
N SER E 199 -40.83 17.70 3.35
CA SER E 199 -39.75 18.40 2.69
C SER E 199 -40.16 18.78 1.27
N SER E 200 -39.40 19.72 0.69
CA SER E 200 -39.76 20.23 -0.63
C SER E 200 -39.47 19.21 -1.72
N LYS E 201 -38.22 18.82 -1.86
CA LYS E 201 -37.84 17.80 -2.83
C LYS E 201 -37.55 16.49 -2.11
N SER E 202 -37.19 15.48 -2.89
CA SER E 202 -36.85 14.19 -2.31
C SER E 202 -35.48 14.26 -1.63
N LEU E 203 -35.36 13.59 -0.49
CA LEU E 203 -34.08 13.48 0.23
C LEU E 203 -33.63 12.03 0.13
N LEU E 204 -33.04 11.69 -1.01
CA LEU E 204 -32.49 10.36 -1.22
C LEU E 204 -31.43 10.47 -2.32
N HIS E 205 -30.16 10.51 -1.91
CA HIS E 205 -29.10 10.46 -2.90
C HIS E 205 -29.09 9.10 -3.57
N SER E 206 -28.39 9.02 -4.70
CA SER E 206 -28.39 7.78 -5.47
C SER E 206 -27.72 6.64 -4.74
N ASN E 207 -26.94 6.91 -3.68
CA ASN E 207 -26.21 5.86 -2.99
C ASN E 207 -27.10 4.99 -2.13
N GLY E 208 -28.32 5.43 -1.82
CA GLY E 208 -29.24 4.67 -1.00
C GLY E 208 -29.56 5.29 0.33
N ASN E 209 -28.92 6.40 0.69
CA ASN E 209 -29.12 7.03 1.99
C ASN E 209 -30.19 8.09 1.90
N THR E 210 -31.15 8.04 2.82
CA THR E 210 -32.08 9.12 3.04
C THR E 210 -31.57 9.99 4.19
N TYR E 211 -31.45 11.29 3.94
CA TYR E 211 -30.78 12.19 4.86
C TYR E 211 -31.83 12.96 5.67
N LEU E 212 -31.93 12.63 6.96
CA LEU E 212 -32.74 13.39 7.89
C LEU E 212 -32.27 13.04 9.30
N TYR E 213 -32.02 14.07 10.12
CA TYR E 213 -31.37 13.89 11.41
C TYR E 213 -32.32 14.39 12.50
N TRP E 214 -33.12 13.49 13.03
CA TRP E 214 -34.18 13.86 13.96
C TRP E 214 -33.59 14.31 15.29
N PHE E 215 -33.51 15.62 15.49
CA PHE E 215 -33.00 16.19 16.72
C PHE E 215 -34.14 16.47 17.67
N LEU E 216 -33.93 16.14 18.94
CA LEU E 216 -34.87 16.46 20.01
C LEU E 216 -34.28 17.59 20.83
N GLN E 217 -35.08 18.62 21.09
CA GLN E 217 -34.64 19.73 21.93
C GLN E 217 -35.47 19.69 23.21
N ARG E 218 -34.91 19.05 24.24
CA ARG E 218 -35.52 19.09 25.55
C ARG E 218 -35.45 20.50 26.12
N PRO E 219 -36.45 20.93 26.86
CA PRO E 219 -36.50 22.33 27.30
C PRO E 219 -35.29 22.70 28.13
N GLY E 220 -34.77 23.90 27.89
CA GLY E 220 -33.61 24.39 28.60
C GLY E 220 -32.37 23.53 28.45
N GLN E 221 -32.16 22.98 27.25
CA GLN E 221 -31.03 22.10 27.04
C GLN E 221 -30.62 22.12 25.58
N SER E 222 -29.41 21.65 25.31
CA SER E 222 -28.91 21.55 23.95
C SER E 222 -29.69 20.47 23.18
N PRO E 223 -29.78 20.60 21.87
CA PRO E 223 -30.41 19.54 21.07
C PRO E 223 -29.61 18.25 21.15
N GLN E 224 -30.27 17.16 20.78
CA GLN E 224 -29.65 15.85 20.82
C GLN E 224 -30.06 15.10 19.56
N LEU E 225 -29.19 14.20 19.11
CA LEU E 225 -29.50 13.38 17.95
C LEU E 225 -30.26 12.15 18.40
N LEU E 226 -31.31 11.81 17.66
CA LEU E 226 -32.08 10.60 17.91
C LEU E 226 -31.91 9.61 16.77
N ILE E 227 -32.16 10.05 15.54
CA ILE E 227 -32.19 9.18 14.38
C ILE E 227 -31.39 9.88 13.29
N TYR E 228 -30.15 9.44 13.08
CA TYR E 228 -29.30 10.01 12.04
C TYR E 228 -29.49 9.24 10.74
N ARG E 229 -29.53 9.98 9.64
CA ARG E 229 -29.81 9.43 8.31
C ARG E 229 -31.20 8.78 8.25
N MET E 230 -32.13 9.28 9.06
CA MET E 230 -33.56 9.03 8.94
C MET E 230 -33.97 7.59 9.24
N SER E 231 -33.00 6.71 9.43
CA SER E 231 -33.35 5.37 9.90
C SER E 231 -32.50 4.90 11.06
N ASN E 232 -31.21 5.22 11.05
CA ASN E 232 -30.29 4.71 12.05
C ASN E 232 -30.49 5.43 13.39
N LEU E 233 -30.08 4.77 14.47
CA LEU E 233 -30.29 5.27 15.82
C LEU E 233 -28.94 5.48 16.48
N ALA E 234 -28.74 6.65 17.07
CA ALA E 234 -27.45 7.05 17.60
C ALA E 234 -27.24 6.51 19.01
N SER E 235 -25.98 6.52 19.44
CA SER E 235 -25.62 6.00 20.75
C SER E 235 -26.26 6.84 21.85
N GLY E 236 -26.61 6.17 22.94
CA GLY E 236 -27.25 6.81 24.07
C GLY E 236 -28.76 6.89 23.98
N VAL E 237 -29.29 6.98 22.77
CA VAL E 237 -30.75 7.06 22.60
C VAL E 237 -31.36 5.72 22.99
N PRO E 238 -32.35 5.70 23.88
CA PRO E 238 -33.01 4.45 24.21
C PRO E 238 -33.67 3.84 22.97
N ASP E 239 -33.77 2.52 22.97
CA ASP E 239 -34.27 1.80 21.81
C ASP E 239 -35.75 2.02 21.55
N ARG E 240 -36.42 2.86 22.33
CA ARG E 240 -37.83 3.14 22.06
C ARG E 240 -38.01 4.09 20.88
N PHE E 241 -37.05 5.00 20.66
CA PHE E 241 -37.14 5.91 19.52
C PHE E 241 -36.95 5.16 18.22
N SER E 242 -37.56 5.68 17.15
CA SER E 242 -37.41 5.10 15.83
C SER E 242 -37.98 6.08 14.81
N GLY E 243 -37.33 6.17 13.66
CA GLY E 243 -37.77 7.07 12.61
C GLY E 243 -37.79 6.38 11.27
N SER E 244 -38.67 6.87 10.40
CA SER E 244 -38.87 6.25 9.09
C SER E 244 -39.46 7.30 8.16
N GLY E 245 -39.96 6.86 7.01
CA GLY E 245 -40.55 7.75 6.04
C GLY E 245 -39.65 7.95 4.83
N SER E 246 -40.22 7.82 3.63
CA SER E 246 -39.42 7.95 2.42
C SER E 246 -39.84 9.12 1.55
N GLY E 247 -39.13 9.33 0.44
CA GLY E 247 -39.48 10.41 -0.47
C GLY E 247 -39.29 11.79 0.11
N THR E 248 -40.40 12.46 0.42
CA THR E 248 -40.32 13.82 0.95
C THR E 248 -40.93 13.94 2.34
N ALA E 249 -41.91 13.11 2.65
CA ALA E 249 -42.60 13.22 3.93
C ALA E 249 -42.06 12.16 4.87
N PHE E 250 -41.57 12.60 6.03
CA PHE E 250 -40.89 11.74 6.99
C PHE E 250 -41.65 11.74 8.31
N THR E 251 -41.25 10.84 9.21
CA THR E 251 -41.90 10.73 10.51
C THR E 251 -40.92 10.18 11.54
N LEU E 252 -41.23 10.47 12.80
CA LEU E 252 -40.49 9.98 13.96
C LEU E 252 -41.49 9.38 14.93
N THR E 253 -41.15 8.24 15.52
CA THR E 253 -42.06 7.50 16.38
C THR E 253 -41.45 7.26 17.75
N ILE E 254 -42.25 7.43 18.79
CA ILE E 254 -41.90 7.05 20.14
C ILE E 254 -42.97 6.08 20.65
N SER E 255 -42.53 4.94 21.15
CA SER E 255 -43.45 3.88 21.56
C SER E 255 -43.92 4.05 23.00
N ARG E 256 -42.98 4.07 23.95
CA ARG E 256 -43.30 4.18 25.37
C ARG E 256 -42.69 5.48 25.88
N LEU E 257 -43.45 6.57 25.76
CA LEU E 257 -42.94 7.88 26.11
C LEU E 257 -42.67 7.98 27.61
N GLU E 258 -41.61 8.69 27.96
CA GLU E 258 -41.21 8.90 29.34
C GLU E 258 -41.11 10.39 29.62
N ALA E 259 -40.95 10.71 30.90
CA ALA E 259 -40.98 12.11 31.34
C ALA E 259 -39.87 12.93 30.70
N GLU E 260 -38.72 12.32 30.43
CA GLU E 260 -37.58 13.02 29.87
C GLU E 260 -37.61 13.08 28.35
N ASP E 261 -38.79 12.94 27.74
CA ASP E 261 -38.92 12.98 26.28
C ASP E 261 -39.79 14.15 25.82
N VAL E 262 -40.02 15.14 26.68
CA VAL E 262 -40.82 16.30 26.30
C VAL E 262 -40.10 17.13 25.25
N VAL E 264 -39.70 19.93 21.70
CA VAL E 264 -39.90 20.26 20.30
C VAL E 264 -38.86 19.52 19.45
N TYR E 265 -39.28 19.03 18.30
CA TYR E 265 -38.46 18.16 17.45
C TYR E 265 -38.09 18.88 16.17
N TYR E 266 -36.83 18.76 15.77
CA TYR E 266 -36.29 19.48 14.63
C TYR E 266 -35.75 18.53 13.58
N CYS E 267 -36.20 18.71 12.35
CA CYS E 267 -35.74 17.95 11.19
C CYS E 267 -34.38 18.48 10.73
N MET E 268 -33.84 17.86 9.70
CA MET E 268 -32.65 18.37 9.02
C MET E 268 -32.43 17.69 7.67
N GLN E 269 -32.20 18.47 6.63
CA GLN E 269 -31.72 17.92 5.37
C GLN E 269 -30.21 18.06 5.29
N HIS E 270 -29.59 17.20 4.47
CA HIS E 270 -28.15 17.29 4.28
C HIS E 270 -27.75 17.05 2.83
N LEU E 271 -28.70 16.93 1.90
CA LEU E 271 -28.35 16.71 0.51
C LEU E 271 -27.59 17.89 -0.07
N GLU E 272 -28.05 19.10 0.23
CA GLU E 272 -27.47 20.32 -0.30
C GLU E 272 -26.70 21.05 0.79
N TYR E 273 -25.86 22.00 0.37
CA TYR E 273 -25.07 22.78 1.32
C TYR E 273 -25.92 23.53 2.33
N PRO E 274 -26.98 24.27 1.94
CA PRO E 274 -27.79 24.97 2.96
C PRO E 274 -28.55 24.02 3.86
N LEU E 275 -28.20 24.00 5.14
CA LEU E 275 -28.74 23.02 6.09
C LEU E 275 -29.99 23.59 6.77
N THR E 276 -31.06 23.69 5.99
CA THR E 276 -32.35 24.10 6.53
C THR E 276 -32.91 23.04 7.46
N PHE E 277 -33.79 23.47 8.38
CA PHE E 277 -34.31 22.57 9.40
C PHE E 277 -35.79 22.29 9.27
N GLY E 278 -36.62 23.33 9.27
CA GLY E 278 -38.04 23.19 9.51
C GLY E 278 -38.44 23.78 10.84
N ALA E 279 -39.75 24.01 10.98
CA ALA E 279 -40.26 24.76 12.12
C ALA E 279 -39.97 24.05 13.44
N GLY E 280 -40.55 22.88 13.63
CA GLY E 280 -40.44 22.18 14.89
C GLY E 280 -41.81 21.96 15.51
N THR E 281 -41.95 20.82 16.20
CA THR E 281 -43.22 20.42 16.80
C THR E 281 -43.02 20.24 18.30
N LYS E 282 -43.50 21.20 19.09
CA LYS E 282 -43.43 21.11 20.54
C LYS E 282 -44.45 20.10 21.06
N LEU E 283 -44.00 19.21 21.93
CA LEU E 283 -44.87 18.21 22.55
C LEU E 283 -45.19 18.69 23.97
N GLU E 284 -46.44 19.07 24.19
CA GLU E 284 -46.84 19.61 25.47
C GLU E 284 -47.00 18.49 26.49
N LEU E 285 -46.43 18.67 27.68
CA LEU E 285 -46.61 17.74 28.77
C LEU E 285 -46.59 18.47 30.10
#